data_2EOH
#
_entry.id   2EOH
#
loop_
_entity.id
_entity.type
_entity.pdbx_description
1 polymer 'Zinc finger protein 28 homolog'
2 non-polymer 'ZINC ION'
#
_entity_poly.entity_id   1
_entity_poly.type   'polypeptide(L)'
_entity_poly.pdbx_seq_one_letter_code
;GSSGSSGSGKKPYECKECRKTFIQIGHLNQHKRVHTGERSSGPSSG
;
_entity_poly.pdbx_strand_id   A
#
loop_
_chem_comp.id
_chem_comp.type
_chem_comp.name
_chem_comp.formula
ZN non-polymer 'ZINC ION' 'Zn 2'
#
# COMPACT_ATOMS: atom_id res chain seq x y z
N GLY A 1 14.46 -20.65 3.79
CA GLY A 1 13.70 -19.77 2.93
C GLY A 1 13.25 -18.51 3.64
N SER A 2 12.04 -18.54 4.20
CA SER A 2 11.49 -17.38 4.90
C SER A 2 12.53 -16.80 5.87
N SER A 3 12.50 -15.48 6.02
CA SER A 3 13.43 -14.79 6.90
C SER A 3 13.04 -13.32 7.06
N GLY A 4 13.49 -12.72 8.16
CA GLY A 4 13.18 -11.33 8.42
C GLY A 4 13.77 -10.83 9.71
N SER A 5 14.70 -9.88 9.62
CA SER A 5 15.36 -9.33 10.79
C SER A 5 14.33 -8.89 11.83
N SER A 6 14.80 -8.62 13.05
CA SER A 6 13.93 -8.20 14.13
C SER A 6 13.36 -6.80 13.86
N GLY A 7 12.05 -6.65 14.07
CA GLY A 7 11.41 -5.37 13.84
C GLY A 7 10.07 -5.51 13.14
N SER A 8 9.74 -4.52 12.31
CA SER A 8 8.48 -4.54 11.58
C SER A 8 7.30 -4.50 12.53
N GLY A 9 7.42 -3.68 13.59
CA GLY A 9 6.35 -3.57 14.56
C GLY A 9 5.03 -3.19 13.94
N LYS A 10 3.98 -3.13 14.75
CA LYS A 10 2.65 -2.77 14.27
C LYS A 10 2.72 -1.63 13.25
N LYS A 11 2.43 -1.95 11.99
CA LYS A 11 2.46 -0.95 10.92
C LYS A 11 1.12 -0.26 10.79
N PRO A 12 1.14 0.98 10.28
CA PRO A 12 -0.08 1.78 10.09
C PRO A 12 -0.95 1.24 8.97
N TYR A 13 -0.72 1.73 7.75
CA TYR A 13 -1.50 1.30 6.59
C TYR A 13 -0.70 0.30 5.76
N GLU A 14 -1.34 -0.23 4.72
CA GLU A 14 -0.70 -1.19 3.83
C GLU A 14 -1.35 -1.20 2.46
N CYS A 15 -0.58 -0.83 1.44
CA CYS A 15 -1.09 -0.79 0.07
C CYS A 15 -1.57 -2.16 -0.37
N LYS A 16 -2.08 -2.24 -1.60
CA LYS A 16 -2.58 -3.50 -2.14
C LYS A 16 -1.67 -4.00 -3.26
N GLU A 17 -1.08 -3.07 -4.00
CA GLU A 17 -0.19 -3.42 -5.10
C GLU A 17 1.24 -3.61 -4.60
N CYS A 18 1.86 -2.51 -4.20
CA CYS A 18 3.24 -2.54 -3.70
C CYS A 18 3.27 -2.93 -2.23
N ARG A 19 2.09 -3.13 -1.64
CA ARG A 19 1.99 -3.51 -0.24
C ARG A 19 2.91 -2.66 0.62
N LYS A 20 2.87 -1.35 0.42
CA LYS A 20 3.71 -0.42 1.18
C LYS A 20 2.90 0.29 2.26
N THR A 21 3.52 0.49 3.42
CA THR A 21 2.85 1.16 4.53
C THR A 21 3.06 2.67 4.47
N PHE A 22 2.35 3.39 5.32
CA PHE A 22 2.44 4.85 5.36
C PHE A 22 2.19 5.37 6.76
N ILE A 23 3.12 6.17 7.27
CA ILE A 23 3.00 6.73 8.61
C ILE A 23 1.77 7.63 8.71
N GLN A 24 1.55 8.44 7.68
CA GLN A 24 0.40 9.34 7.65
C GLN A 24 -0.60 8.93 6.58
N ILE A 25 -1.87 9.21 6.84
CA ILE A 25 -2.93 8.86 5.89
C ILE A 25 -2.86 9.73 4.64
N GLY A 26 -2.28 10.92 4.78
CA GLY A 26 -2.16 11.82 3.65
C GLY A 26 -1.26 11.27 2.57
N HIS A 27 -0.07 10.81 2.97
CA HIS A 27 0.89 10.26 2.02
C HIS A 27 0.28 9.10 1.24
N LEU A 28 -0.64 8.39 1.88
CA LEU A 28 -1.30 7.25 1.25
C LEU A 28 -2.49 7.70 0.41
N ASN A 29 -3.23 8.69 0.91
CA ASN A 29 -4.39 9.22 0.21
C ASN A 29 -4.05 9.54 -1.24
N GLN A 30 -2.82 10.01 -1.46
CA GLN A 30 -2.36 10.36 -2.81
C GLN A 30 -1.77 9.14 -3.50
N HIS A 31 -0.90 8.42 -2.80
CA HIS A 31 -0.25 7.24 -3.35
C HIS A 31 -1.29 6.25 -3.87
N LYS A 32 -2.21 5.85 -3.00
CA LYS A 32 -3.26 4.90 -3.36
C LYS A 32 -3.78 5.19 -4.76
N ARG A 33 -3.94 6.46 -5.08
CA ARG A 33 -4.44 6.87 -6.39
C ARG A 33 -3.43 6.53 -7.48
N VAL A 34 -2.16 6.80 -7.22
CA VAL A 34 -1.10 6.52 -8.19
C VAL A 34 -1.28 5.14 -8.80
N HIS A 35 -1.93 4.25 -8.06
CA HIS A 35 -2.17 2.89 -8.54
C HIS A 35 -3.42 2.82 -9.39
N THR A 36 -3.53 3.74 -10.36
CA THR A 36 -4.68 3.78 -11.24
C THR A 36 -4.76 2.54 -12.11
N GLY A 37 -3.74 2.35 -12.96
CA GLY A 37 -3.71 1.19 -13.83
C GLY A 37 -2.32 0.61 -13.98
N GLU A 38 -1.80 0.63 -15.21
CA GLU A 38 -0.48 0.11 -15.49
C GLU A 38 -0.30 -1.28 -14.88
N ARG A 39 -1.29 -2.15 -15.10
CA ARG A 39 -1.24 -3.50 -14.57
C ARG A 39 -0.96 -4.51 -15.68
N SER A 40 -0.36 -5.64 -15.30
CA SER A 40 -0.03 -6.68 -16.27
C SER A 40 0.94 -6.15 -17.32
N SER A 41 1.94 -5.41 -16.87
CA SER A 41 2.93 -4.84 -17.78
C SER A 41 4.32 -5.40 -17.49
N GLY A 42 4.39 -6.71 -17.28
CA GLY A 42 5.66 -7.35 -16.99
C GLY A 42 6.18 -8.17 -18.16
N PRO A 43 5.62 -9.37 -18.34
CA PRO A 43 6.03 -10.26 -19.43
C PRO A 43 5.60 -9.75 -20.79
N SER A 44 6.35 -10.11 -21.82
CA SER A 44 6.04 -9.68 -23.19
C SER A 44 5.71 -8.20 -23.23
N SER A 45 6.47 -7.40 -22.49
CA SER A 45 6.26 -5.97 -22.44
C SER A 45 7.56 -5.23 -22.16
N GLY A 46 7.54 -3.91 -22.32
CA GLY A 46 8.73 -3.11 -22.08
C GLY A 46 8.59 -2.21 -20.87
ZN ZN B . 1.30 1.08 -3.60
N GLY A 1 11.55 -26.87 8.40
CA GLY A 1 11.85 -25.61 7.77
C GLY A 1 10.97 -24.48 8.27
N SER A 2 11.43 -23.78 9.31
CA SER A 2 10.66 -22.68 9.88
C SER A 2 10.58 -21.51 8.92
N SER A 3 9.51 -20.72 9.03
CA SER A 3 9.32 -19.57 8.17
C SER A 3 10.53 -18.63 8.23
N GLY A 4 10.81 -18.10 9.41
CA GLY A 4 11.93 -17.20 9.58
C GLY A 4 11.51 -15.87 10.17
N SER A 5 12.50 -15.09 10.61
CA SER A 5 12.23 -13.78 11.20
C SER A 5 11.57 -12.85 10.19
N SER A 6 10.62 -12.06 10.66
CA SER A 6 9.90 -11.12 9.79
C SER A 6 10.08 -9.69 10.28
N GLY A 7 9.77 -9.46 11.55
CA GLY A 7 9.90 -8.13 12.12
C GLY A 7 8.61 -7.65 12.76
N SER A 8 8.55 -7.69 14.09
CA SER A 8 7.37 -7.26 14.82
C SER A 8 7.23 -5.74 14.77
N GLY A 9 6.08 -5.24 15.22
CA GLY A 9 5.85 -3.81 15.23
C GLY A 9 4.43 -3.46 14.80
N LYS A 10 3.97 -2.28 15.20
CA LYS A 10 2.63 -1.82 14.86
C LYS A 10 2.66 -0.97 13.59
N LYS A 11 2.51 -1.63 12.44
CA LYS A 11 2.51 -0.93 11.16
C LYS A 11 1.23 -0.13 10.97
N PRO A 12 1.35 1.04 10.33
CA PRO A 12 0.22 1.92 10.07
C PRO A 12 -0.75 1.33 9.04
N TYR A 13 -0.53 1.65 7.77
CA TYR A 13 -1.39 1.16 6.70
C TYR A 13 -0.64 0.15 5.83
N GLU A 14 -1.34 -0.39 4.83
CA GLU A 14 -0.74 -1.37 3.93
C GLU A 14 -1.44 -1.35 2.58
N CYS A 15 -0.69 -1.05 1.52
CA CYS A 15 -1.23 -1.01 0.17
C CYS A 15 -1.70 -2.40 -0.27
N LYS A 16 -2.20 -2.47 -1.50
CA LYS A 16 -2.69 -3.73 -2.05
C LYS A 16 -1.84 -4.15 -3.24
N GLU A 17 -1.25 -3.18 -3.93
CA GLU A 17 -0.41 -3.46 -5.09
C GLU A 17 1.06 -3.55 -4.69
N CYS A 18 1.59 -2.44 -4.19
CA CYS A 18 2.99 -2.40 -3.78
C CYS A 18 3.15 -2.95 -2.36
N ARG A 19 2.02 -3.19 -1.70
CA ARG A 19 2.05 -3.72 -0.34
C ARG A 19 3.01 -2.93 0.54
N LYS A 20 2.92 -1.60 0.46
CA LYS A 20 3.79 -0.73 1.25
C LYS A 20 3.00 -0.04 2.36
N THR A 21 3.69 0.31 3.44
CA THR A 21 3.06 0.98 4.57
C THR A 21 3.21 2.49 4.46
N PHE A 22 2.45 3.21 5.27
CA PHE A 22 2.50 4.67 5.27
C PHE A 22 2.34 5.23 6.69
N ILE A 23 3.35 5.94 7.16
CA ILE A 23 3.33 6.52 8.49
C ILE A 23 2.11 7.41 8.68
N GLN A 24 1.74 8.14 7.64
CA GLN A 24 0.60 9.04 7.68
C GLN A 24 -0.47 8.61 6.68
N ILE A 25 -1.71 9.00 6.94
CA ILE A 25 -2.83 8.65 6.06
C ILE A 25 -2.80 9.50 4.80
N GLY A 26 -2.45 10.77 4.94
CA GLY A 26 -2.39 11.66 3.80
C GLY A 26 -1.54 11.11 2.68
N HIS A 27 -0.28 10.81 2.98
CA HIS A 27 0.64 10.27 1.98
C HIS A 27 0.00 9.12 1.22
N LEU A 28 -0.78 8.30 1.93
CA LEU A 28 -1.45 7.16 1.32
C LEU A 28 -2.61 7.61 0.46
N ASN A 29 -3.44 8.52 1.00
CA ASN A 29 -4.59 9.03 0.27
C ASN A 29 -4.25 9.29 -1.18
N GLN A 30 -3.20 10.08 -1.41
CA GLN A 30 -2.78 10.41 -2.77
C GLN A 30 -2.12 9.21 -3.43
N HIS A 31 -1.25 8.53 -2.69
CA HIS A 31 -0.55 7.36 -3.21
C HIS A 31 -1.51 6.44 -3.97
N LYS A 32 -2.59 6.06 -3.31
CA LYS A 32 -3.59 5.19 -3.92
C LYS A 32 -3.90 5.63 -5.34
N ARG A 33 -3.81 6.93 -5.59
CA ARG A 33 -4.08 7.48 -6.91
C ARG A 33 -3.00 7.07 -7.91
N VAL A 34 -1.75 7.12 -7.46
CA VAL A 34 -0.62 6.74 -8.31
C VAL A 34 -0.87 5.39 -8.99
N HIS A 35 -1.56 4.50 -8.28
CA HIS A 35 -1.86 3.18 -8.82
C HIS A 35 -3.05 3.23 -9.75
N THR A 36 -2.98 4.07 -10.78
CA THR A 36 -4.05 4.23 -11.74
C THR A 36 -5.41 4.21 -11.04
N GLY A 37 -5.46 4.75 -9.84
CA GLY A 37 -6.70 4.80 -9.09
C GLY A 37 -7.90 5.06 -9.97
N GLU A 38 -8.05 6.30 -10.42
CA GLU A 38 -9.16 6.68 -11.27
C GLU A 38 -8.74 6.73 -12.74
N ARG A 39 -9.67 6.41 -13.63
CA ARG A 39 -9.39 6.41 -15.06
C ARG A 39 -8.99 7.80 -15.54
N SER A 40 -8.67 7.92 -16.82
CA SER A 40 -8.26 9.20 -17.40
C SER A 40 -6.98 9.70 -16.74
N SER A 41 -6.04 8.79 -16.51
CA SER A 41 -4.77 9.13 -15.89
C SER A 41 -3.61 8.89 -16.85
N GLY A 42 -2.59 9.75 -16.77
CA GLY A 42 -1.44 9.60 -17.63
C GLY A 42 -0.60 8.38 -17.30
N PRO A 43 0.00 7.77 -18.33
CA PRO A 43 0.83 6.57 -18.16
C PRO A 43 2.15 6.89 -17.46
N SER A 44 2.22 6.52 -16.17
CA SER A 44 3.42 6.75 -15.39
C SER A 44 3.32 6.09 -14.02
N SER A 45 4.46 5.91 -13.37
CA SER A 45 4.49 5.28 -12.05
C SER A 45 3.69 3.98 -12.05
N GLY A 46 3.86 3.20 -13.11
CA GLY A 46 3.15 1.93 -13.21
C GLY A 46 4.09 0.74 -13.35
ZN ZN B . 0.91 1.34 -3.41
N GLY A 1 6.46 -28.15 10.48
CA GLY A 1 5.83 -26.88 10.78
C GLY A 1 6.43 -25.73 10.01
N SER A 2 6.25 -24.51 10.50
CA SER A 2 6.78 -23.33 9.85
C SER A 2 7.36 -22.35 10.87
N SER A 3 8.17 -21.41 10.39
CA SER A 3 8.79 -20.43 11.26
C SER A 3 7.81 -19.31 11.60
N GLY A 4 7.10 -18.83 10.58
CA GLY A 4 6.13 -17.77 10.79
C GLY A 4 6.35 -16.59 9.86
N SER A 5 5.38 -15.68 9.81
CA SER A 5 5.47 -14.51 8.96
C SER A 5 6.13 -13.34 9.69
N SER A 6 6.97 -12.60 8.99
CA SER A 6 7.67 -11.46 9.58
C SER A 6 6.68 -10.50 10.23
N GLY A 7 7.18 -9.66 11.14
CA GLY A 7 6.34 -8.72 11.83
C GLY A 7 6.40 -8.86 13.33
N SER A 8 7.21 -8.02 13.98
CA SER A 8 7.36 -8.08 15.42
C SER A 8 7.03 -6.72 16.05
N GLY A 9 6.01 -6.07 15.52
CA GLY A 9 5.62 -4.77 16.03
C GLY A 9 4.27 -4.32 15.49
N LYS A 10 4.17 -3.04 15.13
CA LYS A 10 2.94 -2.49 14.60
C LYS A 10 3.21 -1.59 13.40
N LYS A 11 2.19 -1.39 12.57
CA LYS A 11 2.33 -0.55 11.38
C LYS A 11 1.06 0.25 11.14
N PRO A 12 1.19 1.39 10.44
CA PRO A 12 0.06 2.26 10.12
C PRO A 12 -0.90 1.64 9.12
N TYR A 13 -0.66 1.89 7.83
CA TYR A 13 -1.50 1.35 6.78
C TYR A 13 -0.72 0.37 5.90
N GLU A 14 -1.45 -0.39 5.09
CA GLU A 14 -0.83 -1.37 4.21
C GLU A 14 -1.51 -1.36 2.84
N CYS A 15 -0.70 -1.20 1.79
CA CYS A 15 -1.22 -1.18 0.42
C CYS A 15 -1.52 -2.59 -0.07
N LYS A 16 -2.24 -2.68 -1.18
CA LYS A 16 -2.59 -3.97 -1.76
C LYS A 16 -1.85 -4.19 -3.08
N GLU A 17 -1.41 -3.10 -3.70
CA GLU A 17 -0.70 -3.19 -4.97
C GLU A 17 0.80 -3.38 -4.72
N CYS A 18 1.43 -2.40 -4.09
CA CYS A 18 2.85 -2.45 -3.79
C CYS A 18 3.10 -2.93 -2.37
N ARG A 19 2.04 -2.93 -1.56
CA ARG A 19 2.14 -3.36 -0.17
C ARG A 19 3.08 -2.45 0.62
N LYS A 20 3.14 -1.19 0.21
CA LYS A 20 3.99 -0.21 0.88
C LYS A 20 3.21 0.55 1.94
N THR A 21 3.59 0.36 3.20
CA THR A 21 2.93 1.03 4.32
C THR A 21 3.19 2.53 4.29
N PHE A 22 2.42 3.27 5.08
CA PHE A 22 2.56 4.73 5.14
C PHE A 22 2.38 5.23 6.56
N ILE A 23 3.34 6.02 7.04
CA ILE A 23 3.28 6.57 8.39
C ILE A 23 1.99 7.36 8.60
N GLN A 24 1.64 8.19 7.62
CA GLN A 24 0.44 9.00 7.71
C GLN A 24 -0.61 8.54 6.71
N ILE A 25 -1.86 8.90 6.95
CA ILE A 25 -2.95 8.51 6.06
C ILE A 25 -2.90 9.28 4.75
N GLY A 26 -2.67 10.60 4.85
CA GLY A 26 -2.59 11.42 3.66
C GLY A 26 -1.69 10.84 2.60
N HIS A 27 -0.46 10.51 2.98
CA HIS A 27 0.51 9.93 2.06
C HIS A 27 -0.09 8.77 1.30
N LEU A 28 -0.79 7.90 2.02
CA LEU A 28 -1.43 6.73 1.41
C LEU A 28 -2.52 7.15 0.44
N ASN A 29 -3.25 8.20 0.79
CA ASN A 29 -4.33 8.71 -0.06
C ASN A 29 -3.78 9.23 -1.39
N GLN A 30 -2.72 10.04 -1.30
CA GLN A 30 -2.10 10.60 -2.49
C GLN A 30 -1.32 9.54 -3.27
N HIS A 31 -1.12 8.39 -2.63
CA HIS A 31 -0.39 7.29 -3.26
C HIS A 31 -1.35 6.35 -3.99
N LYS A 32 -2.49 6.08 -3.37
CA LYS A 32 -3.50 5.20 -3.96
C LYS A 32 -3.93 5.71 -5.32
N ARG A 33 -3.68 6.99 -5.58
CA ARG A 33 -4.04 7.60 -6.85
C ARG A 33 -3.11 7.15 -7.97
N VAL A 34 -1.81 7.27 -7.73
CA VAL A 34 -0.81 6.87 -8.71
C VAL A 34 -1.05 5.44 -9.20
N HIS A 35 -1.71 4.65 -8.37
CA HIS A 35 -2.01 3.26 -8.71
C HIS A 35 -3.13 3.19 -9.74
N THR A 36 -4.30 3.73 -9.37
CA THR A 36 -5.45 3.73 -10.26
C THR A 36 -5.42 4.92 -11.21
N GLY A 37 -5.43 4.64 -12.51
CA GLY A 37 -5.41 5.70 -13.50
C GLY A 37 -4.34 5.48 -14.55
N GLU A 38 -3.11 5.85 -14.23
CA GLU A 38 -2.00 5.70 -15.16
C GLU A 38 -1.89 4.26 -15.64
N ARG A 39 -1.83 4.08 -16.96
CA ARG A 39 -1.71 2.74 -17.54
C ARG A 39 -0.26 2.35 -17.74
N SER A 40 0.27 1.56 -16.82
CA SER A 40 1.66 1.12 -16.89
C SER A 40 1.74 -0.40 -16.98
N SER A 41 1.20 -1.08 -15.98
CA SER A 41 1.20 -2.54 -15.94
C SER A 41 0.38 -3.06 -14.77
N GLY A 42 -0.19 -4.26 -14.95
CA GLY A 42 -1.01 -4.84 -13.90
C GLY A 42 -0.18 -5.31 -12.72
N PRO A 43 -0.81 -5.36 -11.53
CA PRO A 43 -0.15 -5.78 -10.29
C PRO A 43 0.16 -7.28 -10.30
N SER A 44 0.95 -7.72 -9.33
CA SER A 44 1.33 -9.12 -9.22
C SER A 44 0.23 -9.93 -8.54
N SER A 45 0.41 -11.25 -8.51
CA SER A 45 -0.57 -12.13 -7.89
C SER A 45 -1.00 -11.60 -6.53
N GLY A 46 -2.28 -11.26 -6.41
CA GLY A 46 -2.80 -10.75 -5.15
C GLY A 46 -3.82 -9.65 -5.36
ZN ZN B . 0.86 0.97 -3.32
N GLY A 1 0.59 -25.90 6.03
CA GLY A 1 1.81 -25.12 5.97
C GLY A 1 1.57 -23.65 5.70
N SER A 2 2.37 -22.80 6.34
CA SER A 2 2.22 -21.35 6.17
C SER A 2 3.40 -20.62 6.78
N SER A 3 3.45 -19.30 6.58
CA SER A 3 4.53 -18.48 7.10
C SER A 3 4.19 -16.99 6.99
N GLY A 4 4.58 -16.23 8.01
CA GLY A 4 4.30 -14.81 8.02
C GLY A 4 4.33 -14.21 9.42
N SER A 5 4.66 -12.92 9.50
CA SER A 5 4.73 -12.25 10.78
C SER A 5 3.35 -11.74 11.21
N SER A 6 2.60 -12.59 11.89
CA SER A 6 1.26 -12.23 12.36
C SER A 6 1.34 -11.17 13.44
N GLY A 7 1.95 -11.52 14.57
CA GLY A 7 2.07 -10.59 15.68
C GLY A 7 2.98 -9.41 15.34
N SER A 8 4.23 -9.70 15.05
CA SER A 8 5.20 -8.66 14.71
C SER A 8 4.67 -7.77 13.58
N GLY A 9 4.58 -6.47 13.86
CA GLY A 9 4.10 -5.53 12.87
C GLY A 9 4.32 -4.09 13.27
N LYS A 10 3.38 -3.54 14.04
CA LYS A 10 3.48 -2.16 14.49
C LYS A 10 3.57 -1.20 13.31
N LYS A 11 2.86 -1.54 12.23
CA LYS A 11 2.86 -0.70 11.03
C LYS A 11 1.56 0.09 10.93
N PRO A 12 1.64 1.26 10.27
CA PRO A 12 0.48 2.14 10.08
C PRO A 12 -0.54 1.55 9.12
N TYR A 13 -0.40 1.87 7.84
CA TYR A 13 -1.32 1.38 6.81
C TYR A 13 -0.61 0.41 5.87
N GLU A 14 -1.38 -0.26 5.01
CA GLU A 14 -0.83 -1.21 4.06
C GLU A 14 -1.59 -1.15 2.75
N CYS A 15 -0.84 -1.06 1.64
CA CYS A 15 -1.44 -1.00 0.32
C CYS A 15 -1.87 -2.39 -0.15
N LYS A 16 -2.68 -2.43 -1.20
CA LYS A 16 -3.16 -3.70 -1.75
C LYS A 16 -2.41 -4.05 -3.03
N GLU A 17 -1.71 -3.08 -3.59
CA GLU A 17 -0.95 -3.30 -4.81
C GLU A 17 0.54 -3.47 -4.50
N CYS A 18 1.15 -2.42 -3.96
CA CYS A 18 2.57 -2.45 -3.62
C CYS A 18 2.77 -2.84 -2.15
N ARG A 19 1.66 -3.02 -1.44
CA ARG A 19 1.71 -3.39 -0.03
C ARG A 19 2.66 -2.48 0.73
N LYS A 20 2.75 -1.22 0.30
CA LYS A 20 3.63 -0.25 0.95
C LYS A 20 2.92 0.42 2.12
N THR A 21 3.68 0.70 3.18
CA THR A 21 3.13 1.35 4.37
C THR A 21 3.22 2.87 4.26
N PHE A 22 2.54 3.57 5.16
CA PHE A 22 2.54 5.03 5.15
C PHE A 22 2.34 5.57 6.57
N ILE A 23 3.41 6.07 7.17
CA ILE A 23 3.34 6.62 8.51
C ILE A 23 1.99 7.30 8.76
N GLN A 24 1.61 8.18 7.84
CA GLN A 24 0.33 8.89 7.96
C GLN A 24 -0.71 8.30 7.03
N ILE A 25 -1.93 8.84 7.09
CA ILE A 25 -3.02 8.36 6.25
C ILE A 25 -3.08 9.13 4.93
N GLY A 26 -2.85 10.43 5.01
CA GLY A 26 -2.88 11.26 3.82
C GLY A 26 -1.87 10.80 2.77
N HIS A 27 -0.63 10.66 3.19
CA HIS A 27 0.43 10.22 2.28
C HIS A 27 -0.01 9.03 1.45
N LEU A 28 -0.90 8.22 2.02
CA LEU A 28 -1.41 7.04 1.34
C LEU A 28 -2.56 7.41 0.40
N ASN A 29 -3.49 8.22 0.89
CA ASN A 29 -4.64 8.65 0.11
C ASN A 29 -4.21 9.05 -1.31
N GLN A 30 -3.16 9.86 -1.39
CA GLN A 30 -2.65 10.30 -2.69
C GLN A 30 -1.93 9.18 -3.42
N HIS A 31 -1.07 8.45 -2.69
CA HIS A 31 -0.33 7.34 -3.28
C HIS A 31 -1.26 6.44 -4.09
N LYS A 32 -2.31 5.95 -3.44
CA LYS A 32 -3.27 5.07 -4.10
C LYS A 32 -3.51 5.50 -5.55
N ARG A 33 -3.42 6.81 -5.78
CA ARG A 33 -3.62 7.35 -7.12
C ARG A 33 -2.50 6.91 -8.06
N VAL A 34 -1.26 6.99 -7.58
CA VAL A 34 -0.10 6.60 -8.38
C VAL A 34 -0.34 5.26 -9.08
N HIS A 35 -1.10 4.39 -8.42
CA HIS A 35 -1.41 3.07 -8.98
C HIS A 35 -2.44 3.18 -10.10
N THR A 36 -3.51 3.92 -9.84
CA THR A 36 -4.58 4.09 -10.82
C THR A 36 -4.06 4.80 -12.06
N GLY A 37 -3.29 5.87 -11.86
CA GLY A 37 -2.74 6.62 -12.97
C GLY A 37 -2.39 5.73 -14.15
N GLU A 38 -1.66 4.65 -13.86
CA GLU A 38 -1.25 3.72 -14.90
C GLU A 38 -2.46 3.00 -15.51
N ARG A 39 -3.05 3.61 -16.53
CA ARG A 39 -4.22 3.05 -17.20
C ARG A 39 -3.80 2.28 -18.45
N SER A 40 -2.78 1.44 -18.31
CA SER A 40 -2.28 0.65 -19.42
C SER A 40 -3.42 -0.09 -20.12
N SER A 41 -3.41 -0.10 -21.45
CA SER A 41 -4.44 -0.77 -22.22
C SER A 41 -4.67 -2.19 -21.72
N GLY A 42 -5.92 -2.52 -21.41
CA GLY A 42 -6.25 -3.84 -20.93
C GLY A 42 -7.61 -4.31 -21.39
N PRO A 43 -7.99 -5.53 -20.98
CA PRO A 43 -9.29 -6.11 -21.35
C PRO A 43 -10.46 -5.40 -20.67
N SER A 44 -10.21 -4.83 -19.50
CA SER A 44 -11.24 -4.13 -18.76
C SER A 44 -11.77 -2.94 -19.56
N SER A 45 -13.09 -2.92 -19.76
CA SER A 45 -13.72 -1.84 -20.51
C SER A 45 -14.37 -0.83 -19.57
N GLY A 46 -14.99 0.20 -20.15
CA GLY A 46 -15.65 1.22 -19.35
C GLY A 46 -16.94 1.71 -19.98
ZN ZN B . 0.64 1.05 -3.39
N GLY A 1 9.16 -21.84 19.68
CA GLY A 1 9.38 -21.77 18.24
C GLY A 1 8.86 -20.48 17.64
N SER A 2 9.28 -19.35 18.18
CA SER A 2 8.84 -18.05 17.69
C SER A 2 10.02 -17.10 17.52
N SER A 3 10.34 -16.79 16.27
CA SER A 3 11.45 -15.90 15.96
C SER A 3 10.95 -14.54 15.50
N GLY A 4 11.04 -13.54 16.38
CA GLY A 4 10.59 -12.21 16.03
C GLY A 4 9.08 -12.10 15.98
N SER A 5 8.43 -12.39 17.10
CA SER A 5 6.97 -12.33 17.17
C SER A 5 6.52 -11.31 18.21
N SER A 6 5.53 -10.50 17.85
CA SER A 6 5.02 -9.48 18.75
C SER A 6 3.52 -9.66 18.97
N GLY A 7 2.75 -9.64 17.88
CA GLY A 7 1.32 -9.80 17.97
C GLY A 7 0.62 -9.54 16.65
N SER A 8 0.36 -8.27 16.36
CA SER A 8 -0.32 -7.88 15.13
C SER A 8 0.64 -7.17 14.19
N GLY A 9 1.23 -6.08 14.67
CA GLY A 9 2.17 -5.32 13.87
C GLY A 9 2.14 -3.84 14.19
N LYS A 10 3.32 -3.26 14.41
CA LYS A 10 3.44 -1.84 14.74
C LYS A 10 3.34 -0.99 13.49
N LYS A 11 3.23 -1.64 12.34
CA LYS A 11 3.12 -0.94 11.06
C LYS A 11 1.83 -0.12 11.01
N PRO A 12 1.91 1.05 10.36
CA PRO A 12 0.75 1.95 10.22
C PRO A 12 -0.30 1.39 9.26
N TYR A 13 -0.18 1.73 7.99
CA TYR A 13 -1.13 1.26 6.99
C TYR A 13 -0.50 0.18 6.10
N GLU A 14 -1.24 -0.25 5.09
CA GLU A 14 -0.76 -1.27 4.18
C GLU A 14 -1.48 -1.20 2.84
N CYS A 15 -0.73 -0.96 1.77
CA CYS A 15 -1.30 -0.87 0.43
C CYS A 15 -1.83 -2.23 -0.03
N LYS A 16 -2.55 -2.22 -1.15
CA LYS A 16 -3.11 -3.45 -1.71
C LYS A 16 -2.38 -3.85 -2.99
N GLU A 17 -1.77 -2.87 -3.64
CA GLU A 17 -1.03 -3.13 -4.88
C GLU A 17 0.44 -3.44 -4.59
N CYS A 18 1.11 -2.51 -3.93
CA CYS A 18 2.52 -2.68 -3.59
C CYS A 18 2.67 -3.14 -2.14
N ARG A 19 1.58 -3.11 -1.40
CA ARG A 19 1.59 -3.52 0.00
C ARG A 19 2.55 -2.66 0.82
N LYS A 20 2.72 -1.40 0.40
CA LYS A 20 3.61 -0.47 1.08
C LYS A 20 2.89 0.20 2.24
N THR A 21 3.62 0.42 3.33
CA THR A 21 3.05 1.06 4.51
C THR A 21 3.18 2.58 4.43
N PHE A 22 2.38 3.28 5.23
CA PHE A 22 2.41 4.74 5.25
C PHE A 22 2.08 5.27 6.64
N ILE A 23 3.04 5.96 7.24
CA ILE A 23 2.86 6.53 8.57
C ILE A 23 1.63 7.44 8.62
N GLN A 24 1.43 8.21 7.55
CA GLN A 24 0.30 9.12 7.47
C GLN A 24 -0.71 8.63 6.44
N ILE A 25 -2.00 8.81 6.74
CA ILE A 25 -3.06 8.39 5.83
C ILE A 25 -3.05 9.22 4.55
N GLY A 26 -2.73 10.51 4.69
CA GLY A 26 -2.68 11.39 3.54
C GLY A 26 -1.74 10.90 2.46
N HIS A 27 -0.50 10.65 2.84
CA HIS A 27 0.51 10.17 1.90
C HIS A 27 0.01 8.95 1.14
N LEU A 28 -0.71 8.08 1.83
CA LEU A 28 -1.26 6.87 1.23
C LEU A 28 -2.45 7.20 0.33
N ASN A 29 -3.31 8.09 0.80
CA ASN A 29 -4.49 8.49 0.04
C ASN A 29 -4.11 8.88 -1.38
N GLN A 30 -3.09 9.72 -1.51
CA GLN A 30 -2.63 10.16 -2.82
C GLN A 30 -1.86 9.05 -3.54
N HIS A 31 -1.09 8.29 -2.77
CA HIS A 31 -0.31 7.20 -3.33
C HIS A 31 -1.22 6.13 -3.95
N LYS A 32 -2.42 6.01 -3.40
CA LYS A 32 -3.38 5.03 -3.90
C LYS A 32 -3.72 5.29 -5.36
N ARG A 33 -4.04 6.55 -5.67
CA ARG A 33 -4.38 6.93 -7.03
C ARG A 33 -3.15 6.98 -7.91
N VAL A 34 -2.04 7.49 -7.35
CA VAL A 34 -0.79 7.59 -8.09
C VAL A 34 -0.50 6.31 -8.87
N HIS A 35 -0.76 5.17 -8.24
CA HIS A 35 -0.53 3.87 -8.86
C HIS A 35 -0.89 3.92 -10.35
N THR A 36 -2.05 4.52 -10.65
CA THR A 36 -2.51 4.63 -12.02
C THR A 36 -1.53 5.42 -12.88
N GLY A 37 -0.93 4.76 -13.86
CA GLY A 37 0.03 5.41 -14.73
C GLY A 37 -0.45 5.48 -16.16
N GLU A 38 0.43 5.92 -17.06
CA GLU A 38 0.08 6.04 -18.48
C GLU A 38 -0.44 4.72 -19.02
N ARG A 39 0.20 3.62 -18.62
CA ARG A 39 -0.20 2.29 -19.08
C ARG A 39 -0.14 2.20 -20.59
N SER A 40 0.90 2.78 -21.18
CA SER A 40 1.07 2.77 -22.63
C SER A 40 2.52 2.51 -23.00
N SER A 41 2.81 1.28 -23.46
CA SER A 41 4.15 0.91 -23.84
C SER A 41 4.22 0.51 -25.32
N GLY A 42 4.45 1.49 -26.18
CA GLY A 42 4.53 1.22 -27.61
C GLY A 42 4.67 2.49 -28.43
N PRO A 43 4.87 2.33 -29.74
CA PRO A 43 5.03 3.46 -30.66
C PRO A 43 3.73 4.24 -30.86
N SER A 44 2.67 3.77 -30.22
CA SER A 44 1.36 4.41 -30.32
C SER A 44 1.19 5.46 -29.21
N SER A 45 0.75 6.65 -29.60
CA SER A 45 0.54 7.74 -28.66
C SER A 45 -0.48 8.74 -29.19
N GLY A 46 -0.82 9.73 -28.37
CA GLY A 46 -1.77 10.74 -28.78
C GLY A 46 -1.40 12.12 -28.29
ZN ZN B . 0.82 1.06 -3.35
N GLY A 1 -3.86 -23.41 9.14
CA GLY A 1 -5.12 -23.20 9.82
C GLY A 1 -5.39 -21.74 10.11
N SER A 2 -5.19 -20.88 9.12
CA SER A 2 -5.39 -19.45 9.27
C SER A 2 -4.96 -18.99 10.67
N SER A 3 -3.83 -19.51 11.12
CA SER A 3 -3.30 -19.16 12.43
C SER A 3 -2.33 -17.99 12.33
N GLY A 4 -2.49 -17.00 13.22
CA GLY A 4 -1.63 -15.84 13.21
C GLY A 4 -1.59 -15.15 14.56
N SER A 5 -0.74 -14.12 14.67
CA SER A 5 -0.60 -13.38 15.91
C SER A 5 0.01 -12.00 15.65
N SER A 6 0.10 -11.20 16.70
CA SER A 6 0.67 -9.85 16.58
C SER A 6 1.72 -9.61 17.66
N GLY A 7 2.67 -8.73 17.37
CA GLY A 7 3.73 -8.42 18.32
C GLY A 7 3.46 -7.14 19.08
N SER A 8 4.46 -6.27 19.13
CA SER A 8 4.33 -5.00 19.84
C SER A 8 4.20 -3.84 18.86
N GLY A 9 5.10 -3.81 17.88
CA GLY A 9 5.08 -2.75 16.89
C GLY A 9 4.00 -2.96 15.83
N LYS A 10 3.02 -2.08 15.81
CA LYS A 10 1.92 -2.17 14.85
C LYS A 10 2.06 -1.12 13.77
N LYS A 11 2.40 -1.55 12.56
CA LYS A 11 2.57 -0.64 11.44
C LYS A 11 1.27 0.15 11.18
N PRO A 12 1.40 1.28 10.48
CA PRO A 12 0.26 2.14 10.14
C PRO A 12 -0.67 1.50 9.12
N TYR A 13 -0.41 1.76 7.85
CA TYR A 13 -1.24 1.20 6.78
C TYR A 13 -0.41 0.30 5.87
N GLU A 14 -1.08 -0.35 4.92
CA GLU A 14 -0.40 -1.25 3.99
C GLU A 14 -1.15 -1.32 2.66
N CYS A 15 -0.47 -0.91 1.59
CA CYS A 15 -1.07 -0.92 0.26
C CYS A 15 -1.57 -2.32 -0.10
N LYS A 16 -2.17 -2.44 -1.28
CA LYS A 16 -2.69 -3.72 -1.75
C LYS A 16 -1.90 -4.22 -2.94
N GLU A 17 -1.48 -3.30 -3.81
CA GLU A 17 -0.72 -3.65 -5.00
C GLU A 17 0.76 -3.78 -4.67
N CYS A 18 1.41 -2.65 -4.40
CA CYS A 18 2.82 -2.65 -4.07
C CYS A 18 3.06 -3.17 -2.66
N ARG A 19 2.02 -3.14 -1.84
CA ARG A 19 2.10 -3.62 -0.46
C ARG A 19 3.09 -2.77 0.34
N LYS A 20 2.95 -1.45 0.24
CA LYS A 20 3.83 -0.52 0.95
C LYS A 20 3.07 0.19 2.06
N THR A 21 3.69 0.31 3.23
CA THR A 21 3.08 0.98 4.36
C THR A 21 3.38 2.48 4.34
N PHE A 22 2.63 3.23 5.14
CA PHE A 22 2.81 4.68 5.21
C PHE A 22 2.55 5.19 6.63
N ILE A 23 3.42 6.08 7.10
CA ILE A 23 3.28 6.64 8.44
C ILE A 23 2.03 7.51 8.54
N GLN A 24 1.77 8.29 7.51
CA GLN A 24 0.61 9.17 7.48
C GLN A 24 -0.47 8.63 6.54
N ILE A 25 -1.73 8.94 6.85
CA ILE A 25 -2.84 8.48 6.03
C ILE A 25 -2.90 9.25 4.70
N GLY A 26 -2.64 10.55 4.76
CA GLY A 26 -2.67 11.37 3.57
C GLY A 26 -1.73 10.87 2.50
N HIS A 27 -0.46 10.69 2.86
CA HIS A 27 0.54 10.22 1.92
C HIS A 27 0.08 8.95 1.22
N LEU A 28 -0.66 8.11 1.93
CA LEU A 28 -1.18 6.87 1.37
C LEU A 28 -2.36 7.14 0.44
N ASN A 29 -3.25 8.03 0.87
CA ASN A 29 -4.42 8.38 0.09
C ASN A 29 -4.02 8.79 -1.33
N GLN A 30 -3.00 9.64 -1.43
CA GLN A 30 -2.51 10.10 -2.72
C GLN A 30 -1.69 9.03 -3.42
N HIS A 31 -0.99 8.22 -2.64
CA HIS A 31 -0.16 7.15 -3.17
C HIS A 31 -1.02 6.03 -3.74
N LYS A 32 -2.31 6.03 -3.37
CA LYS A 32 -3.23 5.00 -3.83
C LYS A 32 -3.91 5.44 -5.12
N ARG A 33 -4.15 6.73 -5.26
CA ARG A 33 -4.79 7.28 -6.44
C ARG A 33 -3.82 7.31 -7.62
N VAL A 34 -2.57 7.65 -7.34
CA VAL A 34 -1.55 7.72 -8.39
C VAL A 34 -1.34 6.36 -9.04
N HIS A 35 -1.47 5.29 -8.25
CA HIS A 35 -1.31 3.94 -8.76
C HIS A 35 -2.09 3.74 -10.05
N THR A 36 -3.40 4.01 -9.99
CA THR A 36 -4.26 3.86 -11.16
C THR A 36 -3.86 4.82 -12.27
N GLY A 37 -3.71 6.09 -11.91
CA GLY A 37 -3.33 7.09 -12.88
C GLY A 37 -4.52 7.84 -13.45
N GLU A 38 -4.26 8.77 -14.37
CA GLU A 38 -5.33 9.55 -14.98
C GLU A 38 -6.42 8.65 -15.53
N ARG A 39 -7.65 9.18 -15.59
CA ARG A 39 -8.78 8.41 -16.10
C ARG A 39 -9.76 9.32 -16.82
N SER A 40 -10.50 8.76 -17.77
CA SER A 40 -11.47 9.51 -18.55
C SER A 40 -12.62 8.62 -19.01
N SER A 41 -13.83 9.17 -19.03
CA SER A 41 -15.01 8.42 -19.45
C SER A 41 -15.46 8.85 -20.84
N GLY A 42 -15.16 8.01 -21.84
CA GLY A 42 -15.54 8.32 -23.20
C GLY A 42 -14.59 9.31 -23.85
N PRO A 43 -14.85 9.63 -25.14
CA PRO A 43 -14.02 10.55 -25.90
C PRO A 43 -14.17 11.99 -25.42
N SER A 44 -13.28 12.42 -24.54
CA SER A 44 -13.32 13.77 -23.99
C SER A 44 -12.32 14.67 -24.72
N SER A 45 -12.76 15.27 -25.83
CA SER A 45 -11.91 16.15 -26.61
C SER A 45 -12.45 17.57 -26.60
N GLY A 46 -12.89 18.03 -25.44
CA GLY A 46 -13.43 19.36 -25.31
C GLY A 46 -13.30 19.92 -23.91
ZN ZN B . 1.07 1.20 -3.37
N GLY A 1 -15.59 -16.30 10.30
CA GLY A 1 -14.55 -17.28 10.57
C GLY A 1 -13.22 -16.64 10.90
N SER A 2 -12.66 -15.90 9.94
CA SER A 2 -11.38 -15.24 10.14
C SER A 2 -11.45 -14.24 11.29
N SER A 3 -10.31 -14.01 11.93
CA SER A 3 -10.24 -13.08 13.05
C SER A 3 -8.95 -12.27 13.01
N GLY A 4 -8.90 -11.20 13.79
CA GLY A 4 -7.71 -10.36 13.84
C GLY A 4 -7.12 -10.29 15.23
N SER A 5 -6.29 -11.28 15.58
CA SER A 5 -5.66 -11.33 16.89
C SER A 5 -4.34 -10.56 16.87
N SER A 6 -4.25 -9.54 17.70
CA SER A 6 -3.04 -8.72 17.78
C SER A 6 -1.79 -9.59 17.75
N GLY A 7 -0.73 -9.09 17.14
CA GLY A 7 0.51 -9.84 17.04
C GLY A 7 1.72 -8.94 16.95
N SER A 8 2.76 -9.42 16.27
CA SER A 8 3.99 -8.65 16.11
C SER A 8 3.92 -7.78 14.87
N GLY A 9 4.52 -6.59 14.95
CA GLY A 9 4.51 -5.67 13.82
C GLY A 9 3.47 -4.58 13.97
N LYS A 10 3.88 -3.44 14.51
CA LYS A 10 2.98 -2.31 14.71
C LYS A 10 3.11 -1.30 13.56
N LYS A 11 2.61 -1.68 12.40
CA LYS A 11 2.68 -0.81 11.23
C LYS A 11 1.40 0.01 11.10
N PRO A 12 1.52 1.20 10.48
CA PRO A 12 0.38 2.10 10.27
C PRO A 12 -0.63 1.55 9.25
N TYR A 13 -0.42 1.90 7.99
CA TYR A 13 -1.31 1.45 6.92
C TYR A 13 -0.62 0.41 6.04
N GLU A 14 -1.38 -0.22 5.17
CA GLU A 14 -0.84 -1.23 4.27
C GLU A 14 -1.54 -1.18 2.91
N CYS A 15 -0.75 -1.08 1.84
CA CYS A 15 -1.29 -1.04 0.49
C CYS A 15 -1.65 -2.43 -0.01
N LYS A 16 -2.39 -2.48 -1.10
CA LYS A 16 -2.81 -3.77 -1.69
C LYS A 16 -1.99 -4.06 -2.95
N GLU A 17 -1.63 -3.02 -3.68
CA GLU A 17 -0.85 -3.17 -4.91
C GLU A 17 0.62 -3.42 -4.59
N CYS A 18 1.32 -2.37 -4.19
CA CYS A 18 2.74 -2.47 -3.85
C CYS A 18 2.92 -3.08 -2.47
N ARG A 19 1.85 -3.10 -1.69
CA ARG A 19 1.90 -3.65 -0.34
C ARG A 19 2.90 -2.89 0.52
N LYS A 20 2.81 -1.55 0.50
CA LYS A 20 3.70 -0.71 1.28
C LYS A 20 2.94 0.01 2.40
N THR A 21 3.65 0.40 3.44
CA THR A 21 3.04 1.09 4.57
C THR A 21 3.19 2.61 4.42
N PHE A 22 2.43 3.34 5.23
CA PHE A 22 2.48 4.81 5.19
C PHE A 22 2.25 5.39 6.58
N ILE A 23 3.27 6.08 7.09
CA ILE A 23 3.18 6.70 8.41
C ILE A 23 1.91 7.53 8.55
N GLN A 24 1.57 8.27 7.49
CA GLN A 24 0.38 9.10 7.49
C GLN A 24 -0.64 8.61 6.47
N ILE A 25 -1.92 8.83 6.77
CA ILE A 25 -2.99 8.41 5.88
C ILE A 25 -3.00 9.24 4.59
N GLY A 26 -2.59 10.49 4.71
CA GLY A 26 -2.55 11.38 3.56
C GLY A 26 -1.61 10.88 2.48
N HIS A 27 -0.34 10.75 2.82
CA HIS A 27 0.67 10.28 1.87
C HIS A 27 0.20 9.02 1.15
N LEU A 28 -0.66 8.25 1.83
CA LEU A 28 -1.19 7.01 1.27
C LEU A 28 -2.39 7.29 0.38
N ASN A 29 -3.24 8.21 0.81
CA ASN A 29 -4.43 8.57 0.05
C ASN A 29 -4.09 8.86 -1.40
N GLN A 30 -3.14 9.78 -1.60
CA GLN A 30 -2.71 10.15 -2.95
C GLN A 30 -1.99 8.99 -3.64
N HIS A 31 -1.09 8.35 -2.90
CA HIS A 31 -0.33 7.22 -3.44
C HIS A 31 -1.26 6.16 -4.02
N LYS A 32 -2.41 5.97 -3.37
CA LYS A 32 -3.40 4.99 -3.82
C LYS A 32 -3.83 5.28 -5.25
N ARG A 33 -4.20 6.52 -5.51
CA ARG A 33 -4.65 6.93 -6.85
C ARG A 33 -3.45 7.10 -7.78
N VAL A 34 -2.29 7.39 -7.21
CA VAL A 34 -1.08 7.58 -7.99
C VAL A 34 -0.73 6.32 -8.78
N HIS A 35 -1.03 5.17 -8.19
CA HIS A 35 -0.74 3.89 -8.83
C HIS A 35 -1.22 3.89 -10.29
N THR A 36 -2.40 4.47 -10.52
CA THR A 36 -2.97 4.54 -11.85
C THR A 36 -2.50 5.80 -12.58
N GLY A 37 -2.23 5.66 -13.87
CA GLY A 37 -1.78 6.79 -14.66
C GLY A 37 -2.34 6.77 -16.07
N GLU A 38 -2.10 7.86 -16.82
CA GLU A 38 -2.59 7.96 -18.18
C GLU A 38 -1.54 7.45 -19.17
N ARG A 39 -0.77 6.46 -18.75
CA ARG A 39 0.27 5.89 -19.60
C ARG A 39 -0.33 5.29 -20.85
N SER A 40 -0.22 6.01 -21.97
CA SER A 40 -0.77 5.55 -23.24
C SER A 40 0.37 5.19 -24.21
N SER A 41 0.06 4.33 -25.18
CA SER A 41 1.04 3.90 -26.16
C SER A 41 0.46 3.96 -27.57
N GLY A 42 -0.71 3.36 -27.75
CA GLY A 42 -1.35 3.35 -29.05
C GLY A 42 -1.48 4.75 -29.64
N PRO A 43 -2.63 5.39 -29.40
CA PRO A 43 -2.90 6.73 -29.91
C PRO A 43 -2.06 7.80 -29.21
N SER A 44 -2.19 9.04 -29.66
CA SER A 44 -1.43 10.14 -29.08
C SER A 44 -2.33 11.35 -28.82
N SER A 45 -1.77 12.37 -28.18
CA SER A 45 -2.53 13.58 -27.86
C SER A 45 -3.89 13.22 -27.24
N GLY A 46 -3.88 12.25 -26.34
CA GLY A 46 -5.11 11.84 -25.70
C GLY A 46 -5.80 12.98 -24.98
ZN ZN B . 0.73 1.08 -3.30
N GLY A 1 6.35 -24.01 23.16
CA GLY A 1 6.63 -23.32 21.91
C GLY A 1 6.32 -21.84 21.97
N SER A 2 7.33 -21.02 21.71
CA SER A 2 7.15 -19.58 21.74
C SER A 2 7.80 -18.93 20.52
N SER A 3 7.26 -17.77 20.11
CA SER A 3 7.77 -17.06 18.95
C SER A 3 8.76 -15.98 19.38
N GLY A 4 8.41 -15.24 20.43
CA GLY A 4 9.28 -14.19 20.92
C GLY A 4 8.54 -12.89 21.15
N SER A 5 8.87 -11.88 20.34
CA SER A 5 8.23 -10.57 20.47
C SER A 5 6.72 -10.68 20.25
N SER A 6 5.95 -10.23 21.23
CA SER A 6 4.50 -10.27 21.15
C SER A 6 3.97 -9.23 20.18
N GLY A 7 3.89 -9.60 18.91
CA GLY A 7 3.41 -8.69 17.89
C GLY A 7 3.96 -9.00 16.52
N SER A 8 5.21 -8.63 16.28
CA SER A 8 5.86 -8.86 15.00
C SER A 8 5.05 -8.26 13.86
N GLY A 9 4.57 -7.03 14.08
CA GLY A 9 3.79 -6.35 13.07
C GLY A 9 3.27 -5.01 13.54
N LYS A 10 4.15 -4.01 13.58
CA LYS A 10 3.77 -2.67 14.02
C LYS A 10 3.89 -1.68 12.87
N LYS A 11 2.87 -1.64 12.02
CA LYS A 11 2.85 -0.73 10.88
C LYS A 11 1.52 0.01 10.81
N PRO A 12 1.55 1.22 10.21
CA PRO A 12 0.35 2.06 10.06
C PRO A 12 -0.64 1.47 9.06
N TYR A 13 -0.50 1.85 7.79
CA TYR A 13 -1.39 1.37 6.74
C TYR A 13 -0.66 0.37 5.84
N GLU A 14 -1.44 -0.40 5.08
CA GLU A 14 -0.88 -1.40 4.19
C GLU A 14 -1.61 -1.40 2.84
N CYS A 15 -0.87 -1.13 1.77
CA CYS A 15 -1.45 -1.10 0.44
C CYS A 15 -1.83 -2.51 -0.03
N LYS A 16 -2.63 -2.58 -1.09
CA LYS A 16 -3.07 -3.86 -1.63
C LYS A 16 -2.32 -4.17 -2.93
N GLU A 17 -1.68 -3.16 -3.51
CA GLU A 17 -0.93 -3.33 -4.74
C GLU A 17 0.55 -3.53 -4.46
N CYS A 18 1.18 -2.52 -3.89
CA CYS A 18 2.60 -2.58 -3.56
C CYS A 18 2.81 -2.92 -2.09
N ARG A 19 1.72 -2.94 -1.34
CA ARG A 19 1.78 -3.24 0.09
C ARG A 19 2.69 -2.26 0.82
N LYS A 20 2.73 -1.03 0.32
CA LYS A 20 3.55 0.01 0.93
C LYS A 20 2.85 0.64 2.13
N THR A 21 3.62 0.89 3.19
CA THR A 21 3.07 1.48 4.41
C THR A 21 3.18 3.00 4.37
N PHE A 22 2.46 3.66 5.27
CA PHE A 22 2.48 5.12 5.35
C PHE A 22 2.17 5.60 6.77
N ILE A 23 3.10 6.35 7.34
CA ILE A 23 2.93 6.87 8.70
C ILE A 23 1.57 7.55 8.85
N GLN A 24 1.20 8.35 7.86
CA GLN A 24 -0.08 9.06 7.89
C GLN A 24 -0.98 8.59 6.75
N ILE A 25 -2.29 8.71 6.97
CA ILE A 25 -3.26 8.30 5.96
C ILE A 25 -3.19 9.18 4.72
N GLY A 26 -2.84 10.45 4.93
CA GLY A 26 -2.73 11.38 3.82
C GLY A 26 -1.70 10.94 2.80
N HIS A 27 -0.46 10.73 3.24
CA HIS A 27 0.62 10.31 2.36
C HIS A 27 0.19 9.12 1.52
N LEU A 28 -0.66 8.26 2.10
CA LEU A 28 -1.14 7.07 1.41
C LEU A 28 -2.27 7.42 0.45
N ASN A 29 -3.22 8.23 0.92
CA ASN A 29 -4.35 8.64 0.10
C ASN A 29 -3.89 9.04 -1.30
N GLN A 30 -2.92 9.94 -1.36
CA GLN A 30 -2.39 10.40 -2.64
C GLN A 30 -1.66 9.28 -3.37
N HIS A 31 -0.97 8.44 -2.61
CA HIS A 31 -0.23 7.32 -3.19
C HIS A 31 -1.15 6.42 -4.01
N LYS A 32 -2.39 6.25 -3.53
CA LYS A 32 -3.37 5.42 -4.22
C LYS A 32 -3.55 5.87 -5.67
N ARG A 33 -3.18 7.12 -5.94
CA ARG A 33 -3.29 7.67 -7.29
C ARG A 33 -2.33 6.99 -8.25
N VAL A 34 -1.10 6.76 -7.79
CA VAL A 34 -0.08 6.12 -8.60
C VAL A 34 -0.58 4.78 -9.13
N HIS A 35 -1.44 4.12 -8.37
CA HIS A 35 -1.99 2.83 -8.77
C HIS A 35 -3.26 3.02 -9.61
N THR A 36 -3.23 3.99 -10.51
CA THR A 36 -4.36 4.28 -11.37
C THR A 36 -4.03 4.03 -12.84
N GLY A 37 -2.83 4.45 -13.23
CA GLY A 37 -2.39 4.27 -14.61
C GLY A 37 -1.26 5.20 -14.99
N GLU A 38 -0.05 4.82 -14.62
CA GLU A 38 1.13 5.63 -14.92
C GLU A 38 1.69 5.29 -16.31
N ARG A 39 1.80 6.31 -17.15
CA ARG A 39 2.31 6.12 -18.51
C ARG A 39 3.25 7.26 -18.89
N SER A 40 4.54 6.94 -18.97
CA SER A 40 5.55 7.94 -19.33
C SER A 40 6.81 7.28 -19.88
N SER A 41 7.76 8.09 -20.30
CA SER A 41 9.02 7.58 -20.84
C SER A 41 9.61 6.51 -19.93
N GLY A 42 10.53 5.72 -20.47
CA GLY A 42 11.15 4.66 -19.70
C GLY A 42 12.45 5.10 -19.07
N PRO A 43 13.52 5.17 -19.88
CA PRO A 43 14.85 5.58 -19.41
C PRO A 43 14.91 7.06 -19.06
N SER A 44 14.75 7.35 -17.77
CA SER A 44 14.79 8.74 -17.30
C SER A 44 15.88 8.92 -16.26
N SER A 45 16.28 10.18 -16.06
CA SER A 45 17.33 10.50 -15.09
C SER A 45 17.13 9.72 -13.80
N GLY A 46 15.89 9.72 -13.30
CA GLY A 46 15.58 9.01 -12.08
C GLY A 46 16.05 9.74 -10.85
ZN ZN B . 0.60 0.94 -3.37
N GLY A 1 0.12 -28.27 24.42
CA GLY A 1 1.16 -27.85 25.34
C GLY A 1 1.02 -26.40 25.76
N SER A 2 1.98 -25.57 25.37
CA SER A 2 1.96 -24.16 25.72
C SER A 2 1.55 -23.31 24.51
N SER A 3 0.96 -22.15 24.79
CA SER A 3 0.51 -21.25 23.73
C SER A 3 0.65 -19.80 24.16
N GLY A 4 0.73 -18.91 23.17
CA GLY A 4 0.88 -17.49 23.47
C GLY A 4 -0.38 -16.71 23.18
N SER A 5 -0.22 -15.45 22.79
CA SER A 5 -1.36 -14.59 22.47
C SER A 5 -1.28 -14.07 21.04
N SER A 6 -2.35 -13.42 20.60
CA SER A 6 -2.40 -12.88 19.25
C SER A 6 -2.22 -11.36 19.26
N GLY A 7 -1.52 -10.85 18.25
CA GLY A 7 -1.28 -9.42 18.16
C GLY A 7 -0.02 -9.09 17.39
N SER A 8 0.21 -9.80 16.29
CA SER A 8 1.39 -9.57 15.47
C SER A 8 1.07 -8.69 14.28
N GLY A 9 1.44 -7.41 14.37
CA GLY A 9 1.19 -6.48 13.29
C GLY A 9 1.35 -5.04 13.73
N LYS A 10 2.57 -4.54 13.68
CA LYS A 10 2.87 -3.16 14.07
C LYS A 10 3.19 -2.31 12.84
N LYS A 11 2.15 -1.79 12.19
CA LYS A 11 2.32 -0.95 11.01
C LYS A 11 1.15 0.00 10.84
N PRO A 12 1.41 1.15 10.20
CA PRO A 12 0.38 2.17 9.96
C PRO A 12 -0.65 1.72 8.94
N TYR A 13 -0.40 2.02 7.67
CA TYR A 13 -1.31 1.65 6.60
C TYR A 13 -0.61 0.77 5.57
N GLU A 14 -1.16 -0.42 5.34
CA GLU A 14 -0.59 -1.36 4.38
C GLU A 14 -1.35 -1.33 3.06
N CYS A 15 -0.67 -0.92 1.99
CA CYS A 15 -1.29 -0.84 0.68
C CYS A 15 -1.83 -2.21 0.25
N LYS A 16 -2.46 -2.25 -0.92
CA LYS A 16 -3.01 -3.49 -1.45
C LYS A 16 -2.23 -3.97 -2.66
N GLU A 17 -1.56 -3.03 -3.34
CA GLU A 17 -0.78 -3.36 -4.52
C GLU A 17 0.71 -3.44 -4.17
N CYS A 18 1.31 -2.29 -3.89
CA CYS A 18 2.72 -2.22 -3.54
C CYS A 18 2.94 -2.59 -2.07
N ARG A 19 1.86 -2.91 -1.38
CA ARG A 19 1.93 -3.27 0.03
C ARG A 19 2.98 -2.44 0.75
N LYS A 20 2.93 -1.13 0.55
CA LYS A 20 3.88 -0.22 1.18
C LYS A 20 3.25 0.45 2.40
N THR A 21 4.09 0.83 3.36
CA THR A 21 3.64 1.48 4.58
C THR A 21 3.76 3.00 4.48
N PHE A 22 2.86 3.70 5.16
CA PHE A 22 2.87 5.16 5.14
C PHE A 22 2.66 5.72 6.55
N ILE A 23 3.59 6.57 6.98
CA ILE A 23 3.51 7.17 8.30
C ILE A 23 2.14 7.78 8.55
N GLN A 24 1.68 8.59 7.61
CA GLN A 24 0.37 9.23 7.72
C GLN A 24 -0.64 8.58 6.79
N ILE A 25 -1.92 8.83 7.04
CA ILE A 25 -2.99 8.27 6.22
C ILE A 25 -3.10 9.01 4.88
N GLY A 26 -2.92 10.32 4.93
CA GLY A 26 -3.00 11.12 3.72
C GLY A 26 -1.98 10.71 2.68
N HIS A 27 -0.79 10.35 3.13
CA HIS A 27 0.28 9.94 2.23
C HIS A 27 -0.16 8.74 1.39
N LEU A 28 -0.85 7.79 2.02
CA LEU A 28 -1.33 6.60 1.33
C LEU A 28 -2.46 6.94 0.37
N ASN A 29 -3.24 7.95 0.73
CA ASN A 29 -4.36 8.39 -0.11
C ASN A 29 -3.86 8.98 -1.42
N GLN A 30 -2.92 9.92 -1.31
CA GLN A 30 -2.35 10.57 -2.50
C GLN A 30 -1.53 9.59 -3.31
N HIS A 31 -1.11 8.48 -2.68
CA HIS A 31 -0.32 7.47 -3.36
C HIS A 31 -1.21 6.50 -4.13
N LYS A 32 -2.34 6.14 -3.53
CA LYS A 32 -3.28 5.22 -4.16
C LYS A 32 -3.74 5.76 -5.52
N ARG A 33 -3.43 7.02 -5.79
CA ARG A 33 -3.81 7.66 -7.05
C ARG A 33 -2.99 7.10 -8.20
N VAL A 34 -1.67 7.00 -7.99
CA VAL A 34 -0.77 6.50 -9.02
C VAL A 34 -1.18 5.09 -9.45
N HIS A 35 -1.54 4.26 -8.48
CA HIS A 35 -1.95 2.89 -8.76
C HIS A 35 -3.12 2.86 -9.74
N THR A 36 -4.13 3.70 -9.47
CA THR A 36 -5.30 3.77 -10.33
C THR A 36 -4.92 3.67 -11.81
N GLY A 37 -5.61 2.80 -12.54
CA GLY A 37 -5.32 2.63 -13.95
C GLY A 37 -4.43 1.43 -14.23
N GLU A 38 -4.81 0.64 -15.23
CA GLU A 38 -4.04 -0.55 -15.59
C GLU A 38 -3.16 -0.27 -16.79
N ARG A 39 -3.78 0.09 -17.91
CA ARG A 39 -3.05 0.38 -19.13
C ARG A 39 -1.95 1.42 -18.88
N SER A 40 -2.29 2.45 -18.13
CA SER A 40 -1.33 3.51 -17.82
C SER A 40 -0.90 3.44 -16.36
N SER A 41 0.41 3.48 -16.13
CA SER A 41 0.95 3.41 -14.78
C SER A 41 1.23 4.82 -14.23
N GLY A 42 2.02 5.59 -14.98
CA GLY A 42 2.34 6.94 -14.55
C GLY A 42 1.23 7.92 -14.86
N PRO A 43 1.15 8.35 -16.13
CA PRO A 43 0.14 9.31 -16.58
C PRO A 43 -1.27 8.70 -16.59
N SER A 44 -2.27 9.55 -16.80
CA SER A 44 -3.65 9.09 -16.83
C SER A 44 -4.45 9.82 -17.91
N SER A 45 -5.51 9.19 -18.39
CA SER A 45 -6.34 9.78 -19.43
C SER A 45 -7.43 10.67 -18.83
N GLY A 46 -7.66 11.82 -19.44
CA GLY A 46 -8.67 12.74 -18.95
C GLY A 46 -9.73 13.06 -19.98
ZN ZN B . 0.69 1.26 -3.18
N GLY A 1 -3.51 -8.18 33.27
CA GLY A 1 -3.69 -7.64 31.94
C GLY A 1 -2.51 -7.91 31.04
N SER A 2 -1.31 -7.77 31.58
CA SER A 2 -0.09 -8.00 30.81
C SER A 2 0.65 -9.25 31.30
N SER A 3 -0.11 -10.30 31.57
CA SER A 3 0.46 -11.55 32.05
C SER A 3 1.80 -11.83 31.36
N GLY A 4 1.76 -11.93 30.03
CA GLY A 4 2.97 -12.20 29.27
C GLY A 4 3.56 -10.95 28.67
N SER A 5 4.39 -11.13 27.64
CA SER A 5 5.03 -9.99 26.97
C SER A 5 4.25 -9.58 25.74
N SER A 6 3.22 -8.77 25.94
CA SER A 6 2.38 -8.30 24.83
C SER A 6 3.10 -7.23 24.03
N GLY A 7 3.69 -7.64 22.91
CA GLY A 7 4.40 -6.70 22.05
C GLY A 7 4.70 -7.28 20.68
N SER A 8 3.93 -6.87 19.68
CA SER A 8 4.12 -7.35 18.33
C SER A 8 4.43 -6.20 17.37
N GLY A 9 4.69 -6.53 16.12
CA GLY A 9 5.00 -5.51 15.13
C GLY A 9 3.76 -4.80 14.63
N LYS A 10 3.61 -3.53 15.02
CA LYS A 10 2.46 -2.73 14.62
C LYS A 10 2.84 -1.78 13.47
N LYS A 11 1.89 -1.55 12.58
CA LYS A 11 2.12 -0.67 11.44
C LYS A 11 0.87 0.16 11.13
N PRO A 12 1.06 1.29 10.44
CA PRO A 12 -0.04 2.18 10.07
C PRO A 12 -0.94 1.58 9.01
N TYR A 13 -0.61 1.85 7.74
CA TYR A 13 -1.39 1.33 6.62
C TYR A 13 -0.57 0.39 5.77
N GLU A 14 -1.19 -0.21 4.76
CA GLU A 14 -0.51 -1.13 3.87
C GLU A 14 -1.20 -1.20 2.51
N CYS A 15 -0.45 -0.89 1.46
CA CYS A 15 -0.99 -0.90 0.10
C CYS A 15 -1.43 -2.32 -0.29
N LYS A 16 -2.01 -2.44 -1.48
CA LYS A 16 -2.47 -3.73 -1.98
C LYS A 16 -1.62 -4.20 -3.16
N GLU A 17 -1.16 -3.24 -3.96
CA GLU A 17 -0.34 -3.56 -5.12
C GLU A 17 1.12 -3.76 -4.71
N CYS A 18 1.78 -2.66 -4.33
CA CYS A 18 3.17 -2.72 -3.92
C CYS A 18 3.30 -3.16 -2.46
N ARG A 19 2.19 -3.05 -1.73
CA ARG A 19 2.17 -3.44 -0.32
C ARG A 19 3.14 -2.59 0.50
N LYS A 20 2.97 -1.27 0.40
CA LYS A 20 3.84 -0.35 1.13
C LYS A 20 3.07 0.33 2.27
N THR A 21 3.75 0.55 3.38
CA THR A 21 3.14 1.19 4.54
C THR A 21 3.27 2.71 4.47
N PHE A 22 2.52 3.40 5.33
CA PHE A 22 2.55 4.86 5.36
C PHE A 22 2.18 5.37 6.75
N ILE A 23 3.11 6.07 7.38
CA ILE A 23 2.88 6.62 8.71
C ILE A 23 1.73 7.62 8.70
N GLN A 24 1.71 8.48 7.68
CA GLN A 24 0.67 9.49 7.55
C GLN A 24 -0.37 9.07 6.52
N ILE A 25 -1.64 9.17 6.89
CA ILE A 25 -2.73 8.81 6.00
C ILE A 25 -2.63 9.55 4.67
N GLY A 26 -2.14 10.79 4.73
CA GLY A 26 -1.99 11.59 3.53
C GLY A 26 -1.21 10.88 2.44
N HIS A 27 0.04 10.55 2.76
CA HIS A 27 0.91 9.85 1.80
C HIS A 27 0.17 8.72 1.11
N LEU A 28 -0.67 8.03 1.86
CA LEU A 28 -1.45 6.91 1.33
C LEU A 28 -2.58 7.41 0.44
N ASN A 29 -3.34 8.37 0.94
CA ASN A 29 -4.46 8.95 0.19
C ASN A 29 -4.08 9.12 -1.28
N GLN A 30 -2.94 9.77 -1.53
CA GLN A 30 -2.47 10.00 -2.89
C GLN A 30 -1.87 8.73 -3.48
N HIS A 31 -1.02 8.07 -2.70
CA HIS A 31 -0.36 6.84 -3.14
C HIS A 31 -1.39 5.84 -3.68
N LYS A 32 -2.63 5.97 -3.21
CA LYS A 32 -3.69 5.09 -3.65
C LYS A 32 -4.24 5.51 -5.01
N ARG A 33 -4.20 6.81 -5.29
CA ARG A 33 -4.68 7.34 -6.56
C ARG A 33 -3.65 7.11 -7.66
N VAL A 34 -2.39 7.41 -7.37
CA VAL A 34 -1.32 7.24 -8.34
C VAL A 34 -1.29 5.81 -8.88
N HIS A 35 -1.83 4.88 -8.10
CA HIS A 35 -1.86 3.48 -8.51
C HIS A 35 -3.02 3.22 -9.48
N THR A 36 -3.21 4.13 -10.43
CA THR A 36 -4.28 4.00 -11.41
C THR A 36 -3.77 4.25 -12.82
N GLY A 37 -4.14 3.36 -13.74
CA GLY A 37 -3.70 3.50 -15.12
C GLY A 37 -2.61 2.51 -15.48
N GLU A 38 -1.40 2.77 -15.00
CA GLU A 38 -0.26 1.89 -15.28
C GLU A 38 -0.68 0.43 -15.25
N ARG A 39 -1.17 -0.01 -14.09
CA ARG A 39 -1.60 -1.39 -13.93
C ARG A 39 -3.09 -1.54 -14.24
N SER A 40 -3.40 -2.12 -15.39
CA SER A 40 -4.79 -2.31 -15.80
C SER A 40 -5.56 -3.09 -14.75
N SER A 41 -5.11 -4.31 -14.47
CA SER A 41 -5.76 -5.17 -13.49
C SER A 41 -4.75 -6.05 -12.76
N GLY A 42 -4.98 -6.28 -11.48
CA GLY A 42 -4.08 -7.11 -10.70
C GLY A 42 -4.82 -8.10 -9.83
N PRO A 43 -5.55 -9.03 -10.47
CA PRO A 43 -6.32 -10.05 -9.75
C PRO A 43 -5.42 -11.09 -9.09
N SER A 44 -4.12 -10.90 -9.20
CA SER A 44 -3.14 -11.81 -8.61
C SER A 44 -2.83 -11.42 -7.17
N SER A 45 -2.51 -12.41 -6.35
CA SER A 45 -2.19 -12.16 -4.95
C SER A 45 -0.68 -12.25 -4.71
N GLY A 46 -0.20 -11.47 -3.75
CA GLY A 46 1.23 -11.48 -3.44
C GLY A 46 1.49 -11.28 -1.97
ZN ZN B . 1.31 0.93 -3.58
N GLY A 1 -10.28 -21.69 24.40
CA GLY A 1 -10.03 -21.80 22.98
C GLY A 1 -9.22 -20.63 22.45
N SER A 2 -9.34 -20.37 21.15
CA SER A 2 -8.61 -19.27 20.53
C SER A 2 -8.79 -17.97 21.31
N SER A 3 -7.81 -17.66 22.14
CA SER A 3 -7.86 -16.44 22.96
C SER A 3 -7.84 -15.20 22.08
N GLY A 4 -8.51 -14.14 22.55
CA GLY A 4 -8.56 -12.91 21.79
C GLY A 4 -7.20 -12.27 21.62
N SER A 5 -6.81 -12.04 20.36
CA SER A 5 -5.52 -11.44 20.07
C SER A 5 -5.66 -9.93 19.83
N SER A 6 -5.01 -9.14 20.68
CA SER A 6 -5.07 -7.69 20.57
C SER A 6 -4.86 -7.26 19.12
N GLY A 7 -3.70 -7.59 18.57
CA GLY A 7 -3.40 -7.22 17.20
C GLY A 7 -1.92 -7.05 16.95
N SER A 8 -1.27 -8.12 16.49
CA SER A 8 0.17 -8.09 16.22
C SER A 8 0.45 -7.47 14.86
N GLY A 9 1.55 -6.74 14.77
CA GLY A 9 1.91 -6.10 13.52
C GLY A 9 1.96 -4.58 13.62
N LYS A 10 3.00 -4.08 14.29
CA LYS A 10 3.16 -2.64 14.47
C LYS A 10 3.34 -1.94 13.13
N LYS A 11 2.25 -1.43 12.58
CA LYS A 11 2.28 -0.73 11.30
C LYS A 11 0.99 0.03 11.06
N PRO A 12 1.10 1.21 10.43
CA PRO A 12 -0.05 2.06 10.12
C PRO A 12 -0.95 1.46 9.04
N TYR A 13 -0.67 1.80 7.79
CA TYR A 13 -1.45 1.30 6.67
C TYR A 13 -0.65 0.30 5.85
N GLU A 14 -1.31 -0.35 4.89
CA GLU A 14 -0.66 -1.33 4.03
C GLU A 14 -1.34 -1.40 2.68
N CYS A 15 -0.62 -1.00 1.63
CA CYS A 15 -1.16 -1.02 0.28
C CYS A 15 -1.50 -2.44 -0.15
N LYS A 16 -2.20 -2.57 -1.28
CA LYS A 16 -2.59 -3.88 -1.79
C LYS A 16 -1.80 -4.22 -3.05
N GLU A 17 -1.14 -3.22 -3.62
CA GLU A 17 -0.35 -3.43 -4.83
C GLU A 17 1.14 -3.57 -4.49
N CYS A 18 1.75 -2.47 -4.05
CA CYS A 18 3.16 -2.48 -3.69
C CYS A 18 3.36 -2.95 -2.25
N ARG A 19 2.25 -3.11 -1.54
CA ARG A 19 2.30 -3.55 -0.15
C ARG A 19 3.17 -2.62 0.69
N LYS A 20 3.16 -1.34 0.35
CA LYS A 20 3.95 -0.35 1.07
C LYS A 20 3.10 0.33 2.15
N THR A 21 3.72 0.56 3.31
CA THR A 21 3.03 1.21 4.42
C THR A 21 3.19 2.73 4.37
N PHE A 22 2.45 3.42 5.22
CA PHE A 22 2.53 4.89 5.27
C PHE A 22 2.31 5.39 6.70
N ILE A 23 3.28 6.13 7.20
CA ILE A 23 3.20 6.68 8.55
C ILE A 23 1.92 7.50 8.74
N GLN A 24 1.57 8.26 7.72
CA GLN A 24 0.36 9.09 7.77
C GLN A 24 -0.67 8.62 6.76
N ILE A 25 -1.91 9.03 6.95
CA ILE A 25 -3.00 8.64 6.06
C ILE A 25 -2.97 9.46 4.77
N GLY A 26 -2.55 10.72 4.89
CA GLY A 26 -2.49 11.59 3.73
C GLY A 26 -1.63 11.01 2.62
N HIS A 27 -0.33 10.84 2.91
CA HIS A 27 0.59 10.29 1.93
C HIS A 27 -0.02 9.11 1.19
N LEU A 28 -0.74 8.27 1.92
CA LEU A 28 -1.38 7.09 1.35
C LEU A 28 -2.51 7.50 0.41
N ASN A 29 -3.22 8.56 0.77
CA ASN A 29 -4.33 9.06 -0.04
C ASN A 29 -3.83 9.56 -1.39
N GLN A 30 -2.59 10.06 -1.42
CA GLN A 30 -2.00 10.58 -2.64
C GLN A 30 -1.31 9.45 -3.42
N HIS A 31 -0.91 8.41 -2.71
CA HIS A 31 -0.24 7.27 -3.34
C HIS A 31 -1.25 6.34 -4.00
N LYS A 32 -2.36 6.10 -3.32
CA LYS A 32 -3.41 5.23 -3.84
C LYS A 32 -3.97 5.78 -5.16
N ARG A 33 -3.58 7.00 -5.49
CA ARG A 33 -4.05 7.63 -6.72
C ARG A 33 -3.34 7.04 -7.93
N VAL A 34 -2.01 7.04 -7.90
CA VAL A 34 -1.22 6.50 -9.00
C VAL A 34 -1.61 5.05 -9.30
N HIS A 35 -2.12 4.36 -8.28
CA HIS A 35 -2.53 2.97 -8.44
C HIS A 35 -3.86 2.87 -9.18
N THR A 36 -4.82 3.70 -8.76
CA THR A 36 -6.14 3.70 -9.38
C THR A 36 -6.13 4.49 -10.68
N GLY A 37 -5.15 4.23 -11.53
CA GLY A 37 -5.05 4.93 -12.79
C GLY A 37 -4.57 4.04 -13.92
N GLU A 38 -5.03 2.79 -13.92
CA GLU A 38 -4.63 1.84 -14.96
C GLU A 38 -3.11 1.73 -15.04
N ARG A 39 -2.46 1.72 -13.89
CA ARG A 39 -1.00 1.62 -13.83
C ARG A 39 -0.56 0.44 -12.97
N SER A 40 -1.29 -0.68 -13.10
CA SER A 40 -0.98 -1.89 -12.34
C SER A 40 -0.18 -2.87 -13.20
N SER A 41 0.88 -3.41 -12.62
CA SER A 41 1.73 -4.37 -13.32
C SER A 41 1.20 -5.79 -13.17
N GLY A 42 1.74 -6.71 -13.96
CA GLY A 42 1.30 -8.09 -13.90
C GLY A 42 2.23 -8.96 -13.08
N PRO A 43 1.72 -10.11 -12.61
CA PRO A 43 2.49 -11.06 -11.80
C PRO A 43 3.57 -11.76 -12.62
N SER A 44 3.64 -11.44 -13.90
CA SER A 44 4.62 -12.04 -14.79
C SER A 44 5.98 -12.17 -14.09
N SER A 45 6.28 -13.37 -13.60
CA SER A 45 7.54 -13.63 -12.91
C SER A 45 7.85 -12.51 -11.92
N GLY A 46 6.84 -12.11 -11.14
CA GLY A 46 7.04 -11.06 -10.17
C GLY A 46 7.82 -9.88 -10.73
ZN ZN B . 1.00 1.05 -3.42
N GLY A 1 6.64 -25.60 12.27
CA GLY A 1 6.40 -25.64 10.83
C GLY A 1 6.49 -24.28 10.19
N SER A 2 5.74 -24.08 9.12
CA SER A 2 5.74 -22.80 8.40
C SER A 2 4.79 -21.81 9.06
N SER A 3 3.54 -22.22 9.24
CA SER A 3 2.54 -21.36 9.85
C SER A 3 3.11 -20.65 11.07
N GLY A 4 3.03 -19.31 11.06
CA GLY A 4 3.54 -18.53 12.17
C GLY A 4 3.95 -17.14 11.75
N SER A 5 3.10 -16.47 10.97
CA SER A 5 3.40 -15.13 10.49
C SER A 5 3.77 -14.21 11.65
N SER A 6 4.75 -13.35 11.42
CA SER A 6 5.21 -12.42 12.45
C SER A 6 4.46 -11.10 12.36
N GLY A 7 4.39 -10.38 13.49
CA GLY A 7 3.70 -9.11 13.51
C GLY A 7 3.84 -8.40 14.84
N SER A 8 5.01 -7.83 15.09
CA SER A 8 5.27 -7.13 16.33
C SER A 8 5.17 -5.62 16.14
N GLY A 9 5.81 -5.12 15.08
CA GLY A 9 5.78 -3.70 14.80
C GLY A 9 4.36 -3.17 14.63
N LYS A 10 4.13 -1.95 15.09
CA LYS A 10 2.81 -1.33 15.00
C LYS A 10 2.65 -0.60 13.67
N LYS A 11 2.96 -1.29 12.57
CA LYS A 11 2.85 -0.71 11.24
C LYS A 11 1.55 0.08 11.11
N PRO A 12 1.62 1.22 10.41
CA PRO A 12 0.46 2.09 10.18
C PRO A 12 -0.56 1.47 9.25
N TYR A 13 -0.41 1.74 7.95
CA TYR A 13 -1.33 1.19 6.95
C TYR A 13 -0.61 0.21 6.04
N GLU A 14 -1.35 -0.31 5.05
CA GLU A 14 -0.77 -1.26 4.10
C GLU A 14 -1.50 -1.20 2.77
N CYS A 15 -0.74 -1.06 1.69
CA CYS A 15 -1.31 -0.99 0.35
C CYS A 15 -1.82 -2.36 -0.10
N LYS A 16 -2.35 -2.41 -1.32
CA LYS A 16 -2.87 -3.65 -1.87
C LYS A 16 -2.07 -4.08 -3.10
N GLU A 17 -1.60 -3.10 -3.85
CA GLU A 17 -0.82 -3.38 -5.06
C GLU A 17 0.67 -3.51 -4.73
N CYS A 18 1.29 -2.39 -4.39
CA CYS A 18 2.71 -2.37 -4.05
C CYS A 18 2.94 -2.90 -2.64
N ARG A 19 1.86 -3.06 -1.89
CA ARG A 19 1.94 -3.55 -0.52
C ARG A 19 2.94 -2.74 0.30
N LYS A 20 2.77 -1.42 0.29
CA LYS A 20 3.67 -0.53 1.02
C LYS A 20 2.93 0.13 2.19
N THR A 21 3.68 0.48 3.23
CA THR A 21 3.09 1.12 4.40
C THR A 21 3.17 2.65 4.29
N PHE A 22 2.52 3.34 5.23
CA PHE A 22 2.52 4.79 5.22
C PHE A 22 2.31 5.32 6.64
N ILE A 23 3.31 6.03 7.14
CA ILE A 23 3.23 6.60 8.49
C ILE A 23 1.87 7.23 8.74
N GLN A 24 1.46 8.13 7.85
CA GLN A 24 0.17 8.80 7.98
C GLN A 24 -0.77 8.40 6.85
N ILE A 25 -2.07 8.48 7.10
CA ILE A 25 -3.07 8.13 6.11
C ILE A 25 -2.93 8.99 4.87
N GLY A 26 -2.80 10.30 5.07
CA GLY A 26 -2.67 11.22 3.95
C GLY A 26 -1.67 10.74 2.92
N HIS A 27 -0.49 10.33 3.39
CA HIS A 27 0.55 9.84 2.50
C HIS A 27 0.05 8.68 1.65
N LEU A 28 -0.88 7.90 2.21
CA LEU A 28 -1.45 6.76 1.50
C LEU A 28 -2.56 7.21 0.55
N ASN A 29 -3.43 8.09 1.04
CA ASN A 29 -4.54 8.60 0.23
C ASN A 29 -4.05 9.01 -1.16
N GLN A 30 -3.02 9.83 -1.20
CA GLN A 30 -2.46 10.30 -2.46
C GLN A 30 -1.76 9.16 -3.20
N HIS A 31 -0.93 8.41 -2.48
CA HIS A 31 -0.20 7.30 -3.06
C HIS A 31 -1.11 6.45 -3.93
N LYS A 32 -2.41 6.55 -3.69
CA LYS A 32 -3.40 5.79 -4.46
C LYS A 32 -3.79 6.53 -5.73
N ARG A 33 -2.95 7.48 -6.13
CA ARG A 33 -3.21 8.27 -7.34
C ARG A 33 -2.56 7.63 -8.56
N VAL A 34 -1.40 7.01 -8.35
CA VAL A 34 -0.67 6.36 -9.43
C VAL A 34 -1.14 4.92 -9.61
N HIS A 35 -1.58 4.30 -8.53
CA HIS A 35 -2.05 2.93 -8.56
C HIS A 35 -3.35 2.81 -9.36
N THR A 36 -4.24 3.79 -9.17
CA THR A 36 -5.52 3.79 -9.88
C THR A 36 -5.37 4.39 -11.26
N GLY A 37 -5.75 3.62 -12.28
CA GLY A 37 -5.66 4.08 -13.65
C GLY A 37 -5.19 2.99 -14.60
N GLU A 38 -6.11 2.09 -14.95
CA GLU A 38 -5.78 1.01 -15.87
C GLU A 38 -7.06 0.35 -16.41
N ARG A 39 -6.93 -0.36 -17.52
CA ARG A 39 -8.07 -1.03 -18.13
C ARG A 39 -8.93 -1.71 -17.08
N SER A 40 -10.24 -1.53 -17.19
CA SER A 40 -11.18 -2.12 -16.25
C SER A 40 -12.20 -3.00 -16.96
N SER A 41 -12.49 -4.16 -16.37
CA SER A 41 -13.44 -5.10 -16.96
C SER A 41 -14.80 -5.00 -16.26
N GLY A 42 -15.84 -4.71 -17.03
CA GLY A 42 -17.17 -4.60 -16.46
C GLY A 42 -17.95 -5.91 -16.54
N PRO A 43 -18.92 -6.07 -15.64
CA PRO A 43 -19.75 -7.28 -15.58
C PRO A 43 -20.70 -7.38 -16.77
N SER A 44 -21.46 -8.47 -16.82
CA SER A 44 -22.41 -8.68 -17.90
C SER A 44 -23.71 -7.91 -17.66
N SER A 45 -23.72 -6.65 -18.07
CA SER A 45 -24.89 -5.81 -17.89
C SER A 45 -25.09 -4.89 -19.09
N GLY A 46 -26.27 -4.27 -19.17
CA GLY A 46 -26.56 -3.38 -20.27
C GLY A 46 -25.44 -2.39 -20.55
ZN ZN B . 0.93 1.10 -3.23
N GLY A 1 -2.83 -29.43 7.58
CA GLY A 1 -3.61 -28.44 8.28
C GLY A 1 -2.74 -27.37 8.91
N SER A 2 -2.93 -26.13 8.48
CA SER A 2 -2.15 -25.01 9.01
C SER A 2 -3.07 -23.92 9.55
N SER A 3 -2.84 -23.52 10.80
CA SER A 3 -3.65 -22.48 11.43
C SER A 3 -2.76 -21.45 12.11
N GLY A 4 -2.54 -20.33 11.43
CA GLY A 4 -1.72 -19.27 11.99
C GLY A 4 -2.38 -17.91 11.90
N SER A 5 -3.48 -17.74 12.64
CA SER A 5 -4.21 -16.49 12.65
C SER A 5 -3.25 -15.30 12.79
N SER A 6 -3.13 -14.52 11.73
CA SER A 6 -2.25 -13.36 11.73
C SER A 6 -2.95 -12.13 11.16
N GLY A 7 -3.00 -11.06 11.94
CA GLY A 7 -3.64 -9.84 11.49
C GLY A 7 -2.69 -8.66 11.42
N SER A 8 -3.21 -7.47 11.63
CA SER A 8 -2.40 -6.25 11.60
C SER A 8 -1.32 -6.28 12.67
N GLY A 9 -0.17 -5.68 12.38
CA GLY A 9 0.92 -5.65 13.32
C GLY A 9 1.17 -4.26 13.87
N LYS A 10 2.45 -3.89 13.97
CA LYS A 10 2.82 -2.58 14.49
C LYS A 10 3.08 -1.60 13.34
N LYS A 11 2.24 -1.66 12.32
CA LYS A 11 2.38 -0.77 11.17
C LYS A 11 1.11 0.05 10.95
N PRO A 12 1.26 1.21 10.30
CA PRO A 12 0.14 2.11 10.01
C PRO A 12 -0.81 1.53 8.97
N TYR A 13 -0.55 1.84 7.71
CA TYR A 13 -1.39 1.36 6.61
C TYR A 13 -0.64 0.34 5.77
N GLU A 14 -1.31 -0.19 4.75
CA GLU A 14 -0.71 -1.18 3.86
C GLU A 14 -1.37 -1.15 2.48
N CYS A 15 -0.60 -0.73 1.49
CA CYS A 15 -1.10 -0.65 0.12
C CYS A 15 -1.66 -2.00 -0.33
N LYS A 16 -2.24 -2.02 -1.53
CA LYS A 16 -2.81 -3.24 -2.09
C LYS A 16 -1.93 -3.81 -3.18
N GLU A 17 -1.26 -2.92 -3.92
CA GLU A 17 -0.38 -3.33 -5.01
C GLU A 17 1.05 -3.54 -4.50
N CYS A 18 1.74 -2.43 -4.24
CA CYS A 18 3.12 -2.48 -3.76
C CYS A 18 3.15 -2.90 -2.29
N ARG A 19 1.99 -2.97 -1.66
CA ARG A 19 1.89 -3.36 -0.26
C ARG A 19 2.87 -2.56 0.59
N LYS A 20 2.88 -1.24 0.40
CA LYS A 20 3.77 -0.36 1.15
C LYS A 20 3.03 0.32 2.30
N THR A 21 3.76 0.66 3.35
CA THR A 21 3.18 1.32 4.51
C THR A 21 3.32 2.83 4.41
N PHE A 22 2.53 3.55 5.20
CA PHE A 22 2.57 5.01 5.21
C PHE A 22 2.35 5.55 6.62
N ILE A 23 3.36 6.20 7.16
CA ILE A 23 3.27 6.78 8.51
C ILE A 23 1.92 7.46 8.72
N GLN A 24 1.53 8.29 7.76
CA GLN A 24 0.26 9.01 7.85
C GLN A 24 -0.72 8.51 6.79
N ILE A 25 -1.94 9.06 6.81
CA ILE A 25 -2.96 8.66 5.85
C ILE A 25 -2.92 9.56 4.61
N GLY A 26 -2.39 10.77 4.78
CA GLY A 26 -2.30 11.69 3.66
C GLY A 26 -1.36 11.20 2.57
N HIS A 27 -0.17 10.78 2.98
CA HIS A 27 0.83 10.30 2.02
C HIS A 27 0.28 9.10 1.24
N LEU A 28 -0.53 8.28 1.90
CA LEU A 28 -1.11 7.11 1.26
C LEU A 28 -2.31 7.49 0.40
N ASN A 29 -3.14 8.39 0.92
CA ASN A 29 -4.32 8.85 0.20
C ASN A 29 -3.98 9.18 -1.25
N GLN A 30 -2.83 9.82 -1.46
CA GLN A 30 -2.38 10.18 -2.80
C GLN A 30 -1.79 8.99 -3.52
N HIS A 31 -0.93 8.25 -2.82
CA HIS A 31 -0.29 7.08 -3.40
C HIS A 31 -1.33 6.08 -3.92
N LYS A 32 -2.14 5.55 -3.01
CA LYS A 32 -3.18 4.60 -3.37
C LYS A 32 -3.80 4.95 -4.72
N ARG A 33 -4.03 6.24 -4.94
CA ARG A 33 -4.62 6.70 -6.19
C ARG A 33 -3.66 6.51 -7.35
N VAL A 34 -2.40 6.90 -7.14
CA VAL A 34 -1.38 6.76 -8.17
C VAL A 34 -1.50 5.44 -8.90
N HIS A 35 -1.47 4.35 -8.15
CA HIS A 35 -1.60 3.02 -8.73
C HIS A 35 -2.71 2.97 -9.78
N THR A 36 -3.95 3.18 -9.33
CA THR A 36 -5.09 3.17 -10.22
C THR A 36 -4.75 3.76 -11.58
N GLY A 37 -4.08 4.91 -11.56
CA GLY A 37 -3.69 5.55 -12.80
C GLY A 37 -2.46 4.93 -13.42
N GLU A 38 -1.50 5.77 -13.81
CA GLU A 38 -0.27 5.29 -14.43
C GLU A 38 -0.57 4.27 -15.53
N ARG A 39 -1.60 4.55 -16.32
CA ARG A 39 -1.99 3.66 -17.40
C ARG A 39 -0.77 2.99 -18.02
N SER A 40 0.12 3.80 -18.58
CA SER A 40 1.33 3.28 -19.22
C SER A 40 2.54 4.17 -18.89
N SER A 41 3.64 3.55 -18.50
CA SER A 41 4.85 4.27 -18.16
C SER A 41 6.06 3.66 -18.85
N GLY A 42 6.92 4.51 -19.39
CA GLY A 42 8.12 4.04 -20.08
C GLY A 42 7.79 3.17 -21.27
N PRO A 43 7.46 3.81 -22.40
CA PRO A 43 7.13 3.10 -23.65
C PRO A 43 8.33 2.41 -24.27
N SER A 44 9.44 3.13 -24.36
CA SER A 44 10.66 2.58 -24.93
C SER A 44 11.83 3.54 -24.74
N SER A 45 13.01 2.98 -24.49
CA SER A 45 14.21 3.79 -24.29
C SER A 45 14.88 4.12 -25.62
N GLY A 46 15.67 5.19 -25.63
CA GLY A 46 16.35 5.60 -26.84
C GLY A 46 16.72 7.07 -26.84
ZN ZN B . 1.31 1.19 -3.53
N GLY A 1 -18.70 -10.49 26.28
CA GLY A 1 -17.55 -10.21 25.43
C GLY A 1 -16.28 -10.00 26.22
N SER A 2 -15.17 -9.78 25.51
CA SER A 2 -13.89 -9.58 26.16
C SER A 2 -13.05 -8.58 25.38
N SER A 3 -12.63 -7.51 26.06
CA SER A 3 -11.82 -6.46 25.43
C SER A 3 -10.44 -6.38 26.09
N GLY A 4 -9.61 -5.49 25.56
CA GLY A 4 -8.26 -5.33 26.11
C GLY A 4 -7.19 -5.60 25.08
N SER A 5 -6.68 -4.54 24.47
CA SER A 5 -5.63 -4.66 23.46
C SER A 5 -5.01 -3.31 23.14
N SER A 6 -3.75 -3.14 23.50
CA SER A 6 -3.04 -1.89 23.25
C SER A 6 -2.87 -1.64 21.75
N GLY A 7 -2.32 -2.64 21.06
CA GLY A 7 -2.11 -2.51 19.63
C GLY A 7 -1.34 -3.67 19.05
N SER A 8 -2.07 -4.67 18.54
CA SER A 8 -1.44 -5.85 17.96
C SER A 8 -0.98 -5.57 16.53
N GLY A 9 0.21 -4.98 16.42
CA GLY A 9 0.75 -4.66 15.11
C GLY A 9 1.97 -3.75 15.19
N LYS A 10 2.85 -3.85 14.20
CA LYS A 10 4.05 -3.02 14.17
C LYS A 10 4.15 -2.28 12.84
N LYS A 11 3.01 -1.79 12.35
CA LYS A 11 2.97 -1.04 11.10
C LYS A 11 1.70 -0.20 11.00
N PRO A 12 1.84 1.01 10.43
CA PRO A 12 0.71 1.94 10.28
C PRO A 12 -0.28 1.45 9.24
N TYR A 13 -0.09 1.87 8.00
CA TYR A 13 -0.98 1.47 6.91
C TYR A 13 -0.31 0.46 5.99
N GLU A 14 -1.00 0.10 4.90
CA GLU A 14 -0.47 -0.86 3.95
C GLU A 14 -1.30 -0.86 2.66
N CYS A 15 -0.62 -0.58 1.55
CA CYS A 15 -1.29 -0.55 0.24
C CYS A 15 -2.01 -1.86 -0.03
N LYS A 16 -2.60 -1.96 -1.22
CA LYS A 16 -3.32 -3.17 -1.62
C LYS A 16 -2.51 -3.98 -2.63
N GLU A 17 -1.70 -3.27 -3.42
CA GLU A 17 -0.88 -3.93 -4.43
C GLU A 17 0.57 -4.04 -3.96
N CYS A 18 1.28 -2.91 -3.99
CA CYS A 18 2.68 -2.88 -3.56
C CYS A 18 2.80 -3.12 -2.07
N ARG A 19 1.67 -3.03 -1.36
CA ARG A 19 1.65 -3.25 0.08
C ARG A 19 2.56 -2.25 0.79
N LYS A 20 2.59 -1.02 0.29
CA LYS A 20 3.42 0.02 0.87
C LYS A 20 2.81 0.56 2.15
N THR A 21 3.65 0.86 3.14
CA THR A 21 3.19 1.37 4.42
C THR A 21 3.23 2.90 4.43
N PHE A 22 2.50 3.50 5.37
CA PHE A 22 2.45 4.95 5.50
C PHE A 22 1.93 5.36 6.88
N ILE A 23 2.72 6.16 7.58
CA ILE A 23 2.34 6.62 8.91
C ILE A 23 1.06 7.44 8.86
N GLN A 24 0.93 8.28 7.84
CA GLN A 24 -0.24 9.12 7.67
C GLN A 24 -1.08 8.65 6.48
N ILE A 25 -2.40 8.63 6.67
CA ILE A 25 -3.31 8.20 5.61
C ILE A 25 -3.19 9.11 4.39
N GLY A 26 -2.97 10.40 4.64
CA GLY A 26 -2.83 11.35 3.54
C GLY A 26 -1.81 10.90 2.52
N HIS A 27 -0.57 10.74 2.95
CA HIS A 27 0.51 10.32 2.06
C HIS A 27 0.11 9.07 1.28
N LEU A 28 -0.73 8.24 1.88
CA LEU A 28 -1.19 7.02 1.24
C LEU A 28 -2.32 7.30 0.28
N ASN A 29 -3.13 8.31 0.59
CA ASN A 29 -4.26 8.68 -0.25
C ASN A 29 -3.78 9.14 -1.63
N GLN A 30 -2.59 9.72 -1.67
CA GLN A 30 -2.02 10.20 -2.93
C GLN A 30 -1.21 9.11 -3.60
N HIS A 31 -0.56 8.28 -2.80
CA HIS A 31 0.26 7.18 -3.32
C HIS A 31 -0.61 6.11 -3.96
N LYS A 32 -1.81 5.91 -3.40
CA LYS A 32 -2.73 4.91 -3.92
C LYS A 32 -3.44 5.41 -5.18
N ARG A 33 -3.51 6.74 -5.32
CA ARG A 33 -4.15 7.35 -6.48
C ARG A 33 -3.29 7.16 -7.73
N VAL A 34 -1.98 7.27 -7.56
CA VAL A 34 -1.06 7.12 -8.68
C VAL A 34 -1.09 5.69 -9.23
N HIS A 35 -1.53 4.75 -8.40
CA HIS A 35 -1.62 3.35 -8.81
C HIS A 35 -2.63 3.18 -9.93
N THR A 36 -3.83 3.69 -9.73
CA THR A 36 -4.90 3.59 -10.72
C THR A 36 -5.00 4.87 -11.55
N GLY A 37 -5.10 4.72 -12.86
CA GLY A 37 -5.21 5.87 -13.73
C GLY A 37 -4.05 5.97 -14.70
N GLU A 38 -3.70 4.86 -15.32
CA GLU A 38 -2.60 4.84 -16.28
C GLU A 38 -2.73 3.65 -17.24
N ARG A 39 -2.56 3.93 -18.53
CA ARG A 39 -2.68 2.90 -19.55
C ARG A 39 -1.57 1.86 -19.40
N SER A 40 -1.85 0.64 -19.83
CA SER A 40 -0.88 -0.45 -19.74
C SER A 40 -0.54 -1.00 -21.12
N SER A 41 -1.57 -1.19 -21.95
CA SER A 41 -1.39 -1.71 -23.29
C SER A 41 -1.41 -0.59 -24.32
N GLY A 42 -0.23 -0.04 -24.62
CA GLY A 42 -0.14 1.04 -25.58
C GLY A 42 1.22 1.12 -26.23
N PRO A 43 2.23 1.54 -25.46
CA PRO A 43 3.61 1.68 -25.94
C PRO A 43 4.26 0.33 -26.21
N SER A 44 4.23 -0.10 -27.48
CA SER A 44 4.81 -1.37 -27.86
C SER A 44 6.27 -1.46 -27.41
N SER A 45 7.08 -0.49 -27.83
CA SER A 45 8.49 -0.46 -27.48
C SER A 45 8.67 -0.53 -25.97
N GLY A 46 9.83 -1.05 -25.54
CA GLY A 46 10.10 -1.16 -24.12
C GLY A 46 11.46 -1.77 -23.85
ZN ZN B . 1.03 1.10 -3.51
N GLY A 1 -12.69 -9.06 9.47
CA GLY A 1 -11.42 -9.39 10.10
C GLY A 1 -11.52 -10.63 10.97
N SER A 2 -10.43 -11.39 11.04
CA SER A 2 -10.39 -12.60 11.84
C SER A 2 -9.29 -12.52 12.90
N SER A 3 -9.29 -13.48 13.81
CA SER A 3 -8.31 -13.52 14.88
C SER A 3 -7.59 -14.87 14.92
N GLY A 4 -6.59 -15.02 14.05
CA GLY A 4 -5.83 -16.26 14.01
C GLY A 4 -4.38 -16.07 14.40
N SER A 5 -3.52 -15.93 13.40
CA SER A 5 -2.09 -15.76 13.65
C SER A 5 -1.71 -14.28 13.63
N SER A 6 -0.97 -13.84 14.65
CA SER A 6 -0.55 -12.46 14.75
C SER A 6 0.71 -12.33 15.59
N GLY A 7 1.79 -11.88 14.97
CA GLY A 7 3.05 -11.73 15.68
C GLY A 7 3.38 -10.28 15.98
N SER A 8 4.60 -10.02 16.43
CA SER A 8 5.03 -8.67 16.75
C SER A 8 5.13 -7.81 15.49
N GLY A 9 4.44 -6.68 15.50
CA GLY A 9 4.45 -5.79 14.35
C GLY A 9 3.66 -4.52 14.59
N LYS A 10 4.32 -3.38 14.44
CA LYS A 10 3.66 -2.09 14.63
C LYS A 10 3.73 -1.24 13.37
N LYS A 11 2.81 -1.48 12.45
CA LYS A 11 2.75 -0.74 11.20
C LYS A 11 1.45 0.04 11.08
N PRO A 12 1.54 1.24 10.49
CA PRO A 12 0.37 2.11 10.29
C PRO A 12 -0.60 1.55 9.25
N TYR A 13 -0.41 1.94 8.00
CA TYR A 13 -1.28 1.47 6.92
C TYR A 13 -0.54 0.49 6.01
N GLU A 14 -1.23 0.03 4.98
CA GLU A 14 -0.64 -0.91 4.03
C GLU A 14 -1.44 -0.95 2.73
N CYS A 15 -0.74 -0.97 1.60
CA CYS A 15 -1.38 -1.00 0.30
C CYS A 15 -1.96 -2.39 0.02
N LYS A 16 -2.56 -2.55 -1.16
CA LYS A 16 -3.15 -3.81 -1.56
C LYS A 16 -2.35 -4.47 -2.67
N GLU A 17 -1.70 -3.64 -3.50
CA GLU A 17 -0.90 -4.14 -4.61
C GLU A 17 0.58 -4.16 -4.24
N CYS A 18 1.17 -2.98 -4.13
CA CYS A 18 2.59 -2.87 -3.79
C CYS A 18 2.83 -3.25 -2.33
N ARG A 19 1.75 -3.31 -1.55
CA ARG A 19 1.84 -3.66 -0.15
C ARG A 19 2.83 -2.75 0.58
N LYS A 20 2.63 -1.45 0.45
CA LYS A 20 3.49 -0.47 1.09
C LYS A 20 2.78 0.23 2.24
N THR A 21 3.51 0.53 3.30
CA THR A 21 2.94 1.21 4.46
C THR A 21 3.10 2.72 4.36
N PHE A 22 2.51 3.43 5.31
CA PHE A 22 2.59 4.89 5.32
C PHE A 22 2.32 5.44 6.72
N ILE A 23 3.25 6.24 7.22
CA ILE A 23 3.12 6.83 8.55
C ILE A 23 1.78 7.53 8.71
N GLN A 24 1.48 8.43 7.78
CA GLN A 24 0.22 9.18 7.82
C GLN A 24 -0.81 8.54 6.90
N ILE A 25 -2.03 9.05 6.95
CA ILE A 25 -3.12 8.53 6.13
C ILE A 25 -3.13 9.20 4.75
N GLY A 26 -2.82 10.49 4.73
CA GLY A 26 -2.81 11.24 3.48
C GLY A 26 -1.83 10.65 2.48
N HIS A 27 -0.56 10.53 2.88
CA HIS A 27 0.47 9.99 2.01
C HIS A 27 -0.04 8.74 1.29
N LEU A 28 -0.76 7.90 2.01
CA LEU A 28 -1.30 6.67 1.45
C LEU A 28 -2.44 6.97 0.49
N ASN A 29 -3.38 7.79 0.93
CA ASN A 29 -4.53 8.15 0.11
C ASN A 29 -4.08 8.55 -1.30
N GLN A 30 -3.19 9.54 -1.38
CA GLN A 30 -2.69 10.01 -2.67
C GLN A 30 -1.86 8.93 -3.35
N HIS A 31 -1.10 8.18 -2.56
CA HIS A 31 -0.25 7.11 -3.09
C HIS A 31 -1.08 6.14 -3.92
N LYS A 32 -2.39 6.13 -3.69
CA LYS A 32 -3.28 5.24 -4.41
C LYS A 32 -3.73 5.87 -5.73
N ARG A 33 -3.63 7.20 -5.81
CA ARG A 33 -4.02 7.92 -7.02
C ARG A 33 -2.98 7.73 -8.13
N VAL A 34 -1.72 7.92 -7.78
CA VAL A 34 -0.63 7.78 -8.74
C VAL A 34 -0.65 6.39 -9.37
N HIS A 35 -0.93 5.38 -8.56
CA HIS A 35 -0.97 4.00 -9.05
C HIS A 35 -1.66 3.93 -10.41
N THR A 36 -2.71 4.72 -10.58
CA THR A 36 -3.45 4.74 -11.83
C THR A 36 -2.52 4.88 -13.02
N GLY A 37 -2.35 3.81 -13.78
CA GLY A 37 -1.48 3.83 -14.94
C GLY A 37 -0.03 4.07 -14.57
N GLU A 38 0.86 3.91 -15.54
CA GLU A 38 2.29 4.10 -15.31
C GLU A 38 2.95 4.73 -16.53
N ARG A 39 3.67 5.83 -16.32
CA ARG A 39 4.35 6.52 -17.40
C ARG A 39 3.49 6.55 -18.65
N SER A 40 2.21 6.86 -18.49
CA SER A 40 1.29 6.92 -19.61
C SER A 40 1.52 8.17 -20.45
N SER A 41 2.26 8.01 -21.55
CA SER A 41 2.57 9.13 -22.44
C SER A 41 3.29 10.23 -21.68
N GLY A 42 4.28 9.84 -20.88
CA GLY A 42 5.03 10.82 -20.12
C GLY A 42 4.20 11.50 -19.06
N PRO A 43 4.79 12.52 -18.40
CA PRO A 43 4.10 13.28 -17.35
C PRO A 43 2.97 14.15 -17.90
N SER A 44 3.24 14.83 -19.02
CA SER A 44 2.25 15.69 -19.64
C SER A 44 0.87 15.04 -19.62
N SER A 45 -0.17 15.87 -19.65
CA SER A 45 -1.55 15.37 -19.64
C SER A 45 -1.78 14.45 -18.44
N GLY A 46 -1.26 14.85 -17.29
CA GLY A 46 -1.41 14.05 -16.09
C GLY A 46 -0.35 12.99 -15.96
ZN ZN B . 0.59 0.95 -3.51
N GLY A 1 2.29 -24.56 18.33
CA GLY A 1 2.36 -23.34 19.12
C GLY A 1 3.77 -23.05 19.59
N SER A 2 4.49 -22.21 18.82
CA SER A 2 5.86 -21.85 19.15
C SER A 2 6.18 -20.44 18.69
N SER A 3 6.91 -19.70 19.51
CA SER A 3 7.29 -18.33 19.19
C SER A 3 8.81 -18.19 19.07
N GLY A 4 9.26 -17.49 18.05
CA GLY A 4 10.68 -17.29 17.85
C GLY A 4 11.18 -15.98 18.42
N SER A 5 10.73 -14.87 17.84
CA SER A 5 11.14 -13.54 18.30
C SER A 5 9.92 -12.73 18.75
N SER A 6 9.99 -12.21 19.97
CA SER A 6 8.90 -11.41 20.52
C SER A 6 8.77 -10.08 19.78
N GLY A 7 7.56 -9.56 19.74
CA GLY A 7 7.32 -8.29 19.07
C GLY A 7 6.55 -8.46 17.77
N SER A 8 5.91 -7.39 17.31
CA SER A 8 5.13 -7.42 16.09
C SER A 8 5.48 -6.25 15.18
N GLY A 9 5.73 -5.09 15.79
CA GLY A 9 6.07 -3.91 15.04
C GLY A 9 4.86 -3.20 14.47
N LYS A 10 4.04 -2.64 15.36
CA LYS A 10 2.83 -1.94 14.94
C LYS A 10 3.03 -1.24 13.60
N LYS A 11 2.09 -1.43 12.69
CA LYS A 11 2.17 -0.82 11.36
C LYS A 11 0.93 0.02 11.08
N PRO A 12 1.13 1.14 10.37
CA PRO A 12 0.04 2.06 10.01
C PRO A 12 -0.92 1.44 8.99
N TYR A 13 -0.63 1.68 7.71
CA TYR A 13 -1.46 1.15 6.64
C TYR A 13 -0.68 0.18 5.75
N GLU A 14 -1.39 -0.50 4.86
CA GLU A 14 -0.76 -1.45 3.95
C GLU A 14 -1.43 -1.43 2.59
N CYS A 15 -0.65 -1.14 1.55
CA CYS A 15 -1.16 -1.09 0.19
C CYS A 15 -1.53 -2.48 -0.31
N LYS A 16 -2.27 -2.54 -1.41
CA LYS A 16 -2.68 -3.82 -1.99
C LYS A 16 -1.89 -4.11 -3.26
N GLU A 17 -1.31 -3.08 -3.85
CA GLU A 17 -0.52 -3.22 -5.07
C GLU A 17 0.95 -3.43 -4.74
N CYS A 18 1.56 -2.41 -4.13
CA CYS A 18 2.98 -2.48 -3.77
C CYS A 18 3.14 -3.01 -2.35
N ARG A 19 2.03 -3.18 -1.64
CA ARG A 19 2.06 -3.67 -0.27
C ARG A 19 3.07 -2.89 0.57
N LYS A 20 2.94 -1.57 0.56
CA LYS A 20 3.83 -0.71 1.32
C LYS A 20 3.09 -0.04 2.48
N THR A 21 3.85 0.38 3.49
CA THR A 21 3.27 1.03 4.66
C THR A 21 3.46 2.55 4.60
N PHE A 22 2.59 3.28 5.30
CA PHE A 22 2.67 4.73 5.31
C PHE A 22 2.40 5.28 6.72
N ILE A 23 3.36 6.02 7.25
CA ILE A 23 3.22 6.60 8.58
C ILE A 23 1.93 7.40 8.70
N GLN A 24 1.61 8.16 7.66
CA GLN A 24 0.40 8.97 7.65
C GLN A 24 -0.60 8.45 6.63
N ILE A 25 -1.80 9.02 6.63
CA ILE A 25 -2.85 8.60 5.71
C ILE A 25 -2.82 9.44 4.44
N GLY A 26 -2.53 10.73 4.60
CA GLY A 26 -2.47 11.62 3.45
C GLY A 26 -1.54 11.11 2.37
N HIS A 27 -0.33 10.74 2.76
CA HIS A 27 0.66 10.23 1.80
C HIS A 27 0.13 9.01 1.07
N LEU A 28 -0.60 8.16 1.80
CA LEU A 28 -1.15 6.95 1.22
C LEU A 28 -2.37 7.27 0.35
N ASN A 29 -3.13 8.29 0.75
CA ASN A 29 -4.31 8.70 0.01
C ASN A 29 -3.94 9.11 -1.42
N GLN A 30 -2.83 9.83 -1.57
CA GLN A 30 -2.37 10.28 -2.87
C GLN A 30 -1.54 9.20 -3.55
N HIS A 31 -0.96 8.30 -2.76
CA HIS A 31 -0.14 7.23 -3.28
C HIS A 31 -1.01 6.06 -3.75
N LYS A 32 -2.26 6.06 -3.32
CA LYS A 32 -3.19 5.00 -3.69
C LYS A 32 -4.03 5.41 -4.90
N ARG A 33 -4.16 6.72 -5.11
CA ARG A 33 -4.92 7.25 -6.23
C ARG A 33 -4.06 7.38 -7.48
N VAL A 34 -2.74 7.39 -7.28
CA VAL A 34 -1.80 7.50 -8.39
C VAL A 34 -1.57 6.15 -9.06
N HIS A 35 -1.54 5.10 -8.25
CA HIS A 35 -1.32 3.75 -8.77
C HIS A 35 -2.16 3.51 -10.02
N THR A 36 -3.43 3.94 -9.98
CA THR A 36 -4.32 3.77 -11.11
C THR A 36 -4.14 4.89 -12.14
N GLY A 37 -3.88 6.09 -11.65
CA GLY A 37 -3.67 7.23 -12.53
C GLY A 37 -2.68 6.93 -13.63
N GLU A 38 -1.58 6.27 -13.29
CA GLU A 38 -0.55 5.92 -14.25
C GLU A 38 -0.59 4.44 -14.60
N ARG A 39 -1.81 3.90 -14.72
CA ARG A 39 -1.99 2.49 -15.03
C ARG A 39 -2.04 2.27 -16.54
N SER A 40 -1.53 1.13 -16.99
CA SER A 40 -1.51 0.81 -18.41
C SER A 40 -2.55 -0.26 -18.74
N SER A 41 -3.62 0.16 -19.41
CA SER A 41 -4.69 -0.75 -19.79
C SER A 41 -4.13 -2.10 -20.22
N GLY A 42 -4.43 -3.15 -19.46
CA GLY A 42 -3.94 -4.47 -19.79
C GLY A 42 -2.43 -4.57 -19.71
N PRO A 43 -1.89 -4.49 -18.49
CA PRO A 43 -0.45 -4.58 -18.25
C PRO A 43 0.10 -5.98 -18.50
N SER A 44 -0.79 -6.92 -18.76
CA SER A 44 -0.40 -8.30 -19.02
C SER A 44 0.68 -8.35 -20.09
N SER A 45 1.22 -9.56 -20.32
CA SER A 45 2.26 -9.75 -21.32
C SER A 45 1.98 -10.99 -22.17
N GLY A 46 2.55 -11.01 -23.37
CA GLY A 46 2.34 -12.15 -24.26
C GLY A 46 3.34 -12.17 -25.40
ZN ZN B . 1.12 1.26 -3.22
N GLY A 1 3.65 -24.59 11.87
CA GLY A 1 2.27 -24.35 12.24
C GLY A 1 2.06 -22.99 12.86
N SER A 2 2.55 -21.94 12.20
CA SER A 2 2.41 -20.59 12.70
C SER A 2 2.41 -19.58 11.55
N SER A 3 1.33 -18.83 11.42
CA SER A 3 1.20 -17.84 10.36
C SER A 3 2.13 -16.65 10.62
N GLY A 4 3.28 -16.66 9.94
CA GLY A 4 4.24 -15.59 10.10
C GLY A 4 4.29 -15.06 11.52
N SER A 5 4.47 -15.97 12.48
CA SER A 5 4.52 -15.60 13.88
C SER A 5 5.96 -15.58 14.39
N SER A 6 6.64 -14.46 14.19
CA SER A 6 8.03 -14.33 14.61
C SER A 6 8.52 -12.89 14.42
N GLY A 7 9.14 -12.34 15.47
CA GLY A 7 9.64 -10.98 15.40
C GLY A 7 8.55 -9.95 15.63
N SER A 8 8.54 -9.36 16.83
CA SER A 8 7.55 -8.35 17.17
C SER A 8 7.72 -7.09 16.32
N GLY A 9 6.62 -6.53 15.87
CA GLY A 9 6.68 -5.33 15.05
C GLY A 9 5.33 -4.95 14.48
N LYS A 10 4.95 -3.68 14.64
CA LYS A 10 3.68 -3.19 14.13
C LYS A 10 3.89 -2.22 12.97
N LYS A 11 2.81 -1.91 12.26
CA LYS A 11 2.88 -0.99 11.13
C LYS A 11 1.59 -0.17 11.02
N PRO A 12 1.71 1.03 10.44
CA PRO A 12 0.57 1.94 10.26
C PRO A 12 -0.41 1.42 9.22
N TYR A 13 -0.21 1.82 7.97
CA TYR A 13 -1.09 1.40 6.88
C TYR A 13 -0.39 0.37 5.99
N GLU A 14 -1.06 0.00 4.90
CA GLU A 14 -0.51 -0.98 3.96
C GLU A 14 -1.34 -1.04 2.69
N CYS A 15 -0.69 -0.81 1.56
CA CYS A 15 -1.36 -0.83 0.27
C CYS A 15 -1.96 -2.21 -0.01
N LYS A 16 -2.67 -2.32 -1.13
CA LYS A 16 -3.30 -3.59 -1.51
C LYS A 16 -2.59 -4.20 -2.72
N GLU A 17 -1.84 -3.37 -3.44
CA GLU A 17 -1.12 -3.83 -4.62
C GLU A 17 0.38 -3.93 -4.35
N CYS A 18 0.96 -2.85 -3.87
CA CYS A 18 2.39 -2.82 -3.55
C CYS A 18 2.63 -3.08 -2.07
N ARG A 19 1.54 -3.30 -1.33
CA ARG A 19 1.64 -3.57 0.10
C ARG A 19 2.65 -2.63 0.76
N LYS A 20 2.46 -1.33 0.58
CA LYS A 20 3.36 -0.33 1.15
C LYS A 20 2.69 0.37 2.32
N THR A 21 3.43 0.51 3.42
CA THR A 21 2.91 1.17 4.61
C THR A 21 3.17 2.67 4.56
N PHE A 22 2.43 3.42 5.38
CA PHE A 22 2.58 4.87 5.42
C PHE A 22 2.25 5.40 6.82
N ILE A 23 3.10 6.30 7.32
CA ILE A 23 2.91 6.89 8.64
C ILE A 23 1.65 7.74 8.68
N GLN A 24 1.41 8.49 7.59
CA GLN A 24 0.24 9.34 7.51
C GLN A 24 -0.80 8.76 6.57
N ILE A 25 -2.05 9.17 6.75
CA ILE A 25 -3.14 8.68 5.92
C ILE A 25 -3.16 9.40 4.57
N GLY A 26 -3.07 10.72 4.62
CA GLY A 26 -3.09 11.50 3.38
C GLY A 26 -2.05 11.03 2.38
N HIS A 27 -0.82 10.82 2.85
CA HIS A 27 0.26 10.37 1.99
C HIS A 27 -0.14 9.10 1.24
N LEU A 28 -0.84 8.20 1.93
CA LEU A 28 -1.28 6.95 1.33
C LEU A 28 -2.42 7.19 0.35
N ASN A 29 -3.37 8.03 0.74
CA ASN A 29 -4.51 8.35 -0.11
C ASN A 29 -4.05 8.86 -1.47
N GLN A 30 -3.03 9.70 -1.47
CA GLN A 30 -2.51 10.26 -2.72
C GLN A 30 -1.76 9.19 -3.51
N HIS A 31 -0.99 8.36 -2.81
CA HIS A 31 -0.23 7.30 -3.45
C HIS A 31 -1.17 6.26 -4.08
N LYS A 32 -2.35 6.10 -3.48
CA LYS A 32 -3.32 5.14 -3.98
C LYS A 32 -3.68 5.44 -5.44
N ARG A 33 -3.81 6.72 -5.76
CA ARG A 33 -4.15 7.14 -7.11
C ARG A 33 -2.90 7.18 -8.00
N VAL A 34 -1.74 7.35 -7.37
CA VAL A 34 -0.48 7.42 -8.10
C VAL A 34 -0.25 6.14 -8.90
N HIS A 35 -0.69 5.01 -8.34
CA HIS A 35 -0.53 3.72 -9.00
C HIS A 35 -1.00 3.79 -10.44
N THR A 36 -2.28 4.11 -10.63
CA THR A 36 -2.86 4.21 -11.97
C THR A 36 -3.27 5.64 -12.29
N GLY A 37 -2.45 6.31 -13.10
CA GLY A 37 -2.74 7.69 -13.47
C GLY A 37 -3.80 7.78 -14.56
N GLU A 38 -3.70 6.89 -15.55
CA GLU A 38 -4.65 6.88 -16.65
C GLU A 38 -4.75 8.26 -17.30
N ARG A 39 -3.60 8.91 -17.48
CA ARG A 39 -3.55 10.23 -18.09
C ARG A 39 -3.57 10.14 -19.61
N SER A 40 -2.63 9.36 -20.17
CA SER A 40 -2.54 9.19 -21.61
C SER A 40 -3.90 8.88 -22.21
N SER A 41 -4.23 9.55 -23.31
CA SER A 41 -5.50 9.35 -23.98
C SER A 41 -5.37 8.30 -25.09
N GLY A 42 -4.68 7.21 -24.78
CA GLY A 42 -4.50 6.15 -25.75
C GLY A 42 -5.65 5.17 -25.76
N PRO A 43 -5.51 4.07 -25.01
CA PRO A 43 -6.54 3.03 -24.92
C PRO A 43 -7.77 3.50 -24.16
N SER A 44 -8.92 2.91 -24.49
CA SER A 44 -10.17 3.27 -23.84
C SER A 44 -10.44 2.39 -22.63
N SER A 45 -11.17 2.91 -21.66
CA SER A 45 -11.49 2.17 -20.45
C SER A 45 -12.96 1.77 -20.44
N GLY A 46 -13.35 0.96 -19.44
CA GLY A 46 -14.72 0.52 -19.33
C GLY A 46 -14.87 -0.97 -19.61
ZN ZN B . 0.74 1.09 -3.48
N GLY A 1 3.77 -22.23 30.84
CA GLY A 1 3.93 -20.90 30.25
C GLY A 1 3.83 -20.91 28.74
N SER A 2 4.01 -19.74 28.13
CA SER A 2 3.93 -19.63 26.68
C SER A 2 4.86 -18.53 26.18
N SER A 3 5.00 -18.44 24.86
CA SER A 3 5.87 -17.44 24.25
C SER A 3 5.46 -16.04 24.66
N GLY A 4 6.42 -15.27 25.19
CA GLY A 4 6.14 -13.92 25.63
C GLY A 4 6.21 -12.92 24.49
N SER A 5 5.77 -11.69 24.75
CA SER A 5 5.78 -10.64 23.74
C SER A 5 7.17 -10.04 23.60
N SER A 6 7.97 -10.62 22.70
CA SER A 6 9.33 -10.13 22.48
C SER A 6 9.34 -9.05 21.40
N GLY A 7 9.12 -7.81 21.82
CA GLY A 7 9.12 -6.69 20.89
C GLY A 7 7.81 -6.59 20.13
N SER A 8 6.96 -5.66 20.53
CA SER A 8 5.67 -5.46 19.89
C SER A 8 5.73 -4.30 18.89
N GLY A 9 5.15 -4.50 17.72
CA GLY A 9 5.15 -3.46 16.70
C GLY A 9 4.34 -3.86 15.48
N LYS A 10 3.48 -2.94 15.02
CA LYS A 10 2.65 -3.19 13.86
C LYS A 10 2.64 -1.98 12.92
N LYS A 11 2.81 -2.24 11.63
CA LYS A 11 2.82 -1.18 10.63
C LYS A 11 1.46 -0.49 10.55
N PRO A 12 1.47 0.80 10.15
CA PRO A 12 0.24 1.59 10.03
C PRO A 12 -0.63 1.13 8.87
N TYR A 13 -0.42 1.72 7.71
CA TYR A 13 -1.20 1.37 6.52
C TYR A 13 -0.43 0.40 5.64
N GLU A 14 -1.08 -0.05 4.57
CA GLU A 14 -0.46 -0.99 3.64
C GLU A 14 -1.23 -1.04 2.32
N CYS A 15 -0.53 -0.73 1.23
CA CYS A 15 -1.15 -0.73 -0.09
C CYS A 15 -1.75 -2.10 -0.41
N LYS A 16 -2.25 -2.26 -1.63
CA LYS A 16 -2.85 -3.51 -2.06
C LYS A 16 -1.93 -4.25 -3.02
N GLU A 17 -1.10 -3.51 -3.74
CA GLU A 17 -0.17 -4.09 -4.69
C GLU A 17 1.26 -4.10 -4.14
N CYS A 18 1.87 -2.93 -4.11
CA CYS A 18 3.23 -2.78 -3.60
C CYS A 18 3.28 -3.03 -2.10
N ARG A 19 2.11 -3.01 -1.47
CA ARG A 19 2.02 -3.23 -0.03
C ARG A 19 2.88 -2.24 0.73
N LYS A 20 2.81 -0.97 0.33
CA LYS A 20 3.59 0.08 0.97
C LYS A 20 2.86 0.63 2.19
N THR A 21 3.62 0.89 3.26
CA THR A 21 3.05 1.42 4.49
C THR A 21 3.17 2.93 4.55
N PHE A 22 2.45 3.55 5.48
CA PHE A 22 2.48 4.99 5.65
C PHE A 22 1.98 5.40 7.02
N ILE A 23 2.82 6.14 7.76
CA ILE A 23 2.46 6.59 9.09
C ILE A 23 1.26 7.52 9.06
N GLN A 24 1.22 8.41 8.06
CA GLN A 24 0.13 9.35 7.90
C GLN A 24 -0.84 8.90 6.82
N ILE A 25 -2.11 9.28 6.96
CA ILE A 25 -3.13 8.91 5.99
C ILE A 25 -2.98 9.71 4.71
N GLY A 26 -2.65 10.99 4.85
CA GLY A 26 -2.48 11.85 3.70
C GLY A 26 -1.49 11.28 2.70
N HIS A 27 -0.30 10.92 3.18
CA HIS A 27 0.74 10.36 2.32
C HIS A 27 0.17 9.25 1.45
N LEU A 28 -0.57 8.33 2.06
CA LEU A 28 -1.15 7.21 1.34
C LEU A 28 -2.23 7.68 0.38
N ASN A 29 -3.14 8.53 0.88
CA ASN A 29 -4.22 9.06 0.06
C ASN A 29 -3.69 9.53 -1.29
N GLN A 30 -2.42 9.91 -1.33
CA GLN A 30 -1.80 10.37 -2.57
C GLN A 30 -1.13 9.22 -3.31
N HIS A 31 -0.55 8.29 -2.55
CA HIS A 31 0.13 7.14 -3.14
C HIS A 31 -0.88 6.21 -3.81
N LYS A 32 -2.12 6.27 -3.36
CA LYS A 32 -3.18 5.44 -3.91
C LYS A 32 -3.87 6.12 -5.09
N ARG A 33 -3.17 7.08 -5.69
CA ARG A 33 -3.72 7.82 -6.83
C ARG A 33 -3.36 7.13 -8.14
N VAL A 34 -2.19 6.50 -8.17
CA VAL A 34 -1.73 5.80 -9.37
C VAL A 34 -2.17 4.34 -9.36
N HIS A 35 -2.40 3.80 -8.16
CA HIS A 35 -2.83 2.42 -8.01
C HIS A 35 -4.30 2.26 -8.38
N THR A 36 -4.69 2.81 -9.53
CA THR A 36 -6.06 2.74 -9.98
C THR A 36 -6.14 2.28 -11.43
N GLY A 37 -6.15 0.96 -11.62
CA GLY A 37 -6.22 0.40 -12.96
C GLY A 37 -5.58 -0.97 -13.06
N GLU A 38 -5.80 -1.80 -12.04
CA GLU A 38 -5.23 -3.14 -12.01
C GLU A 38 -5.62 -3.93 -13.26
N ARG A 39 -5.13 -5.15 -13.37
CA ARG A 39 -5.42 -6.00 -14.51
C ARG A 39 -6.90 -5.94 -14.87
N SER A 40 -7.75 -6.27 -13.91
CA SER A 40 -9.19 -6.25 -14.12
C SER A 40 -9.79 -4.91 -13.70
N SER A 41 -9.90 -4.00 -14.65
CA SER A 41 -10.45 -2.67 -14.39
C SER A 41 -11.97 -2.73 -14.23
N GLY A 42 -12.50 -1.90 -13.33
CA GLY A 42 -13.93 -1.87 -13.10
C GLY A 42 -14.51 -0.48 -13.21
N PRO A 43 -14.81 -0.05 -14.44
CA PRO A 43 -15.39 1.27 -14.71
C PRO A 43 -16.83 1.39 -14.20
N SER A 44 -17.59 0.32 -14.33
CA SER A 44 -18.97 0.31 -13.89
C SER A 44 -19.12 0.97 -12.52
N SER A 45 -19.73 2.16 -12.51
CA SER A 45 -19.92 2.90 -11.27
C SER A 45 -21.15 3.80 -11.37
N GLY A 46 -21.65 4.24 -10.22
CA GLY A 46 -22.82 5.09 -10.19
C GLY A 46 -23.60 4.97 -8.90
ZN ZN B . 1.19 0.96 -3.82
N GLY A 1 13.32 -24.43 11.82
CA GLY A 1 12.04 -24.18 12.44
C GLY A 1 11.73 -22.70 12.57
N SER A 2 10.52 -22.32 12.18
CA SER A 2 10.10 -20.92 12.24
C SER A 2 8.70 -20.80 12.81
N SER A 3 8.57 -20.03 13.89
CA SER A 3 7.27 -19.83 14.54
C SER A 3 6.45 -18.79 13.79
N GLY A 4 7.06 -17.63 13.55
CA GLY A 4 6.37 -16.56 12.85
C GLY A 4 7.24 -15.34 12.65
N SER A 5 6.89 -14.25 13.32
CA SER A 5 7.66 -13.01 13.21
C SER A 5 8.37 -12.69 14.52
N SER A 6 9.27 -11.71 14.46
CA SER A 6 10.04 -11.30 15.64
C SER A 6 9.93 -9.80 15.86
N GLY A 7 10.07 -9.04 14.79
CA GLY A 7 9.99 -7.59 14.89
C GLY A 7 8.64 -7.12 15.39
N SER A 8 8.54 -5.82 15.65
CA SER A 8 7.29 -5.24 16.15
C SER A 8 6.48 -4.62 15.01
N GLY A 9 5.40 -5.29 14.63
CA GLY A 9 4.56 -4.80 13.55
C GLY A 9 4.16 -3.35 13.76
N LYS A 10 3.11 -3.14 14.53
CA LYS A 10 2.62 -1.80 14.81
C LYS A 10 2.67 -0.92 13.56
N LYS A 11 2.33 -1.51 12.42
CA LYS A 11 2.34 -0.80 11.15
C LYS A 11 1.05 0.00 10.97
N PRO A 12 1.16 1.19 10.35
CA PRO A 12 0.02 2.06 10.09
C PRO A 12 -0.92 1.50 9.03
N TYR A 13 -0.68 1.85 7.78
CA TYR A 13 -1.51 1.38 6.67
C TYR A 13 -0.73 0.39 5.79
N GLU A 14 -1.38 -0.07 4.73
CA GLU A 14 -0.75 -1.02 3.81
C GLU A 14 -1.39 -0.92 2.43
N CYS A 15 -0.54 -0.78 1.42
CA CYS A 15 -1.02 -0.67 0.04
C CYS A 15 -1.63 -1.99 -0.42
N LYS A 16 -2.08 -2.02 -1.67
CA LYS A 16 -2.68 -3.22 -2.24
C LYS A 16 -1.84 -3.77 -3.38
N GLU A 17 -1.12 -2.88 -4.06
CA GLU A 17 -0.27 -3.29 -5.17
C GLU A 17 1.16 -3.52 -4.71
N CYS A 18 1.84 -2.45 -4.31
CA CYS A 18 3.21 -2.54 -3.83
C CYS A 18 3.26 -3.11 -2.42
N ARG A 19 2.12 -3.11 -1.76
CA ARG A 19 2.03 -3.62 -0.39
C ARG A 19 3.01 -2.88 0.52
N LYS A 20 2.95 -1.56 0.49
CA LYS A 20 3.82 -0.73 1.32
C LYS A 20 3.02 0.00 2.39
N THR A 21 3.67 0.31 3.51
CA THR A 21 3.02 1.01 4.60
C THR A 21 3.25 2.52 4.50
N PHE A 22 2.42 3.28 5.21
CA PHE A 22 2.53 4.73 5.21
C PHE A 22 2.34 5.31 6.61
N ILE A 23 3.38 5.98 7.11
CA ILE A 23 3.32 6.57 8.44
C ILE A 23 2.07 7.43 8.61
N GLN A 24 1.77 8.24 7.60
CA GLN A 24 0.60 9.11 7.64
C GLN A 24 -0.46 8.64 6.66
N ILE A 25 -1.71 9.05 6.89
CA ILE A 25 -2.82 8.67 6.03
C ILE A 25 -2.86 9.53 4.78
N GLY A 26 -2.16 10.67 4.83
CA GLY A 26 -2.13 11.57 3.70
C GLY A 26 -1.24 11.07 2.58
N HIS A 27 -0.05 10.62 2.92
CA HIS A 27 0.89 10.10 1.94
C HIS A 27 0.31 8.90 1.21
N LEU A 28 -0.67 8.24 1.82
CA LEU A 28 -1.31 7.08 1.22
C LEU A 28 -2.57 7.48 0.45
N ASN A 29 -3.31 8.43 1.01
CA ASN A 29 -4.54 8.90 0.37
C ASN A 29 -4.29 9.22 -1.10
N GLN A 30 -3.07 9.65 -1.41
CA GLN A 30 -2.71 9.99 -2.78
C GLN A 30 -2.04 8.81 -3.48
N HIS A 31 -1.02 8.25 -2.82
CA HIS A 31 -0.30 7.11 -3.38
C HIS A 31 -1.26 6.03 -3.86
N LYS A 32 -2.36 5.87 -3.13
CA LYS A 32 -3.37 4.87 -3.49
C LYS A 32 -3.95 5.14 -4.87
N ARG A 33 -4.30 6.39 -5.12
CA ARG A 33 -4.86 6.78 -6.41
C ARG A 33 -3.79 6.80 -7.49
N VAL A 34 -2.54 7.01 -7.08
CA VAL A 34 -1.43 7.04 -8.03
C VAL A 34 -1.31 5.72 -8.77
N HIS A 35 -1.45 4.62 -8.05
CA HIS A 35 -1.36 3.29 -8.66
C HIS A 35 -2.33 3.15 -9.82
N THR A 36 -3.55 3.65 -9.64
CA THR A 36 -4.57 3.58 -10.67
C THR A 36 -3.96 3.80 -12.06
N GLY A 37 -4.46 3.05 -13.04
CA GLY A 37 -3.95 3.17 -14.39
C GLY A 37 -3.29 1.89 -14.89
N GLU A 38 -2.96 1.87 -16.18
CA GLU A 38 -2.34 0.70 -16.78
C GLU A 38 -0.82 0.88 -16.85
N ARG A 39 -0.09 -0.06 -16.26
CA ARG A 39 1.37 -0.01 -16.26
C ARG A 39 1.95 -1.32 -16.79
N SER A 40 2.34 -1.30 -18.06
CA SER A 40 2.92 -2.49 -18.69
C SER A 40 4.21 -2.13 -19.44
N SER A 41 4.08 -1.26 -20.43
CA SER A 41 5.24 -0.84 -21.21
C SER A 41 5.85 0.44 -20.64
N GLY A 42 7.06 0.76 -21.10
CA GLY A 42 7.73 1.96 -20.63
C GLY A 42 8.37 2.75 -21.75
N PRO A 43 7.56 3.60 -22.41
CA PRO A 43 8.02 4.44 -23.52
C PRO A 43 8.97 5.55 -23.06
N SER A 44 9.13 5.66 -21.74
CA SER A 44 10.01 6.68 -21.18
C SER A 44 11.33 6.07 -20.72
N SER A 45 12.34 6.92 -20.57
CA SER A 45 13.66 6.47 -20.15
C SER A 45 14.09 5.24 -20.94
N GLY A 46 13.93 5.31 -22.26
CA GLY A 46 14.31 4.20 -23.11
C GLY A 46 15.71 4.34 -23.66
ZN ZN B . 1.49 1.33 -3.42
N GLY A 1 -5.37 -22.43 23.21
CA GLY A 1 -4.50 -21.62 24.07
C GLY A 1 -3.24 -21.17 23.36
N SER A 2 -3.19 -19.88 23.04
CA SER A 2 -2.03 -19.32 22.35
C SER A 2 -1.43 -18.16 23.15
N SER A 3 -0.11 -18.18 23.32
CA SER A 3 0.58 -17.14 24.06
C SER A 3 1.05 -16.02 23.13
N GLY A 4 1.21 -14.82 23.69
CA GLY A 4 1.65 -13.70 22.88
C GLY A 4 3.13 -13.77 22.54
N SER A 5 3.45 -14.53 21.50
CA SER A 5 4.84 -14.69 21.08
C SER A 5 5.19 -13.68 19.99
N SER A 6 4.73 -12.45 20.17
CA SER A 6 5.00 -11.39 19.20
C SER A 6 5.48 -10.12 19.91
N GLY A 7 6.49 -9.48 19.33
CA GLY A 7 7.03 -8.26 19.91
C GLY A 7 5.99 -7.16 20.02
N SER A 8 6.45 -5.94 20.28
CA SER A 8 5.55 -4.81 20.42
C SER A 8 5.72 -3.83 19.24
N GLY A 9 4.99 -4.10 18.15
CA GLY A 9 5.08 -3.26 16.98
C GLY A 9 3.81 -3.28 16.16
N LYS A 10 3.34 -2.10 15.76
CA LYS A 10 2.12 -2.00 14.95
C LYS A 10 2.33 -1.03 13.79
N LYS A 11 2.34 -1.57 12.58
CA LYS A 11 2.52 -0.74 11.38
C LYS A 11 1.25 0.06 11.09
N PRO A 12 1.43 1.16 10.33
CA PRO A 12 0.31 2.04 9.96
C PRO A 12 -0.63 1.37 8.95
N TYR A 13 -0.36 1.58 7.67
CA TYR A 13 -1.19 1.00 6.62
C TYR A 13 -0.37 0.05 5.74
N GLU A 14 -1.05 -0.66 4.84
CA GLU A 14 -0.39 -1.60 3.95
C GLU A 14 -1.17 -1.74 2.64
N CYS A 15 -0.59 -1.24 1.56
CA CYS A 15 -1.22 -1.31 0.24
C CYS A 15 -1.41 -2.76 -0.19
N LYS A 16 -2.54 -3.04 -0.83
CA LYS A 16 -2.84 -4.38 -1.30
C LYS A 16 -2.31 -4.59 -2.72
N GLU A 17 -1.46 -3.68 -3.17
CA GLU A 17 -0.88 -3.77 -4.51
C GLU A 17 0.64 -3.73 -4.44
N CYS A 18 1.19 -2.59 -4.05
CA CYS A 18 2.63 -2.42 -3.95
C CYS A 18 3.14 -2.86 -2.57
N ARG A 19 2.20 -3.12 -1.66
CA ARG A 19 2.56 -3.55 -0.32
C ARG A 19 3.47 -2.54 0.36
N LYS A 20 3.17 -1.26 0.16
CA LYS A 20 3.96 -0.18 0.75
C LYS A 20 3.21 0.46 1.92
N THR A 21 3.90 0.56 3.06
CA THR A 21 3.30 1.15 4.26
C THR A 21 3.38 2.67 4.20
N PHE A 22 2.53 3.33 4.99
CA PHE A 22 2.50 4.78 5.04
C PHE A 22 2.36 5.28 6.48
N ILE A 23 3.40 5.93 6.98
CA ILE A 23 3.39 6.45 8.34
C ILE A 23 2.14 7.28 8.60
N GLN A 24 1.72 8.05 7.59
CA GLN A 24 0.54 8.89 7.71
C GLN A 24 -0.52 8.48 6.69
N ILE A 25 -1.78 8.80 6.99
CA ILE A 25 -2.88 8.47 6.10
C ILE A 25 -2.86 9.34 4.85
N GLY A 26 -2.55 10.62 5.04
CA GLY A 26 -2.49 11.54 3.92
C GLY A 26 -1.61 11.04 2.79
N HIS A 27 -0.37 10.66 3.14
CA HIS A 27 0.57 10.17 2.16
C HIS A 27 -0.02 9.01 1.36
N LEU A 28 -0.80 8.17 2.05
CA LEU A 28 -1.43 7.02 1.41
C LEU A 28 -2.62 7.45 0.56
N ASN A 29 -3.39 8.41 1.07
CA ASN A 29 -4.56 8.91 0.36
C ASN A 29 -4.21 9.29 -1.08
N GLN A 30 -3.13 10.05 -1.23
CA GLN A 30 -2.67 10.48 -2.55
C GLN A 30 -2.07 9.31 -3.32
N HIS A 31 -1.39 8.42 -2.62
CA HIS A 31 -0.77 7.25 -3.24
C HIS A 31 -1.76 6.52 -4.13
N LYS A 32 -2.94 6.23 -3.59
CA LYS A 32 -3.98 5.53 -4.33
C LYS A 32 -4.11 6.10 -5.74
N ARG A 33 -3.67 7.33 -5.92
CA ARG A 33 -3.74 7.99 -7.22
C ARG A 33 -2.69 7.42 -8.17
N VAL A 34 -1.43 7.43 -7.74
CA VAL A 34 -0.34 6.91 -8.55
C VAL A 34 -0.66 5.52 -9.09
N HIS A 35 -1.54 4.80 -8.39
CA HIS A 35 -1.95 3.47 -8.81
C HIS A 35 -3.00 3.53 -9.90
N THR A 36 -4.12 4.18 -9.60
CA THR A 36 -5.22 4.31 -10.54
C THR A 36 -4.83 5.21 -11.71
N GLY A 37 -4.34 4.61 -12.79
CA GLY A 37 -3.94 5.36 -13.95
C GLY A 37 -2.86 4.68 -14.75
N GLU A 38 -1.81 5.43 -15.09
CA GLU A 38 -0.70 4.90 -15.86
C GLU A 38 0.12 3.91 -15.02
N ARG A 39 0.45 2.77 -15.62
CA ARG A 39 1.22 1.75 -14.93
C ARG A 39 2.57 1.51 -15.63
N SER A 40 3.60 1.27 -14.83
CA SER A 40 4.93 1.03 -15.37
C SER A 40 5.51 -0.28 -14.86
N SER A 41 5.54 -1.29 -15.73
CA SER A 41 6.05 -2.60 -15.37
C SER A 41 7.50 -2.77 -15.83
N GLY A 42 8.29 -3.46 -15.02
CA GLY A 42 9.69 -3.68 -15.36
C GLY A 42 10.09 -5.14 -15.26
N PRO A 43 11.28 -5.47 -15.78
CA PRO A 43 11.80 -6.83 -15.77
C PRO A 43 12.19 -7.29 -14.37
N SER A 44 12.74 -6.37 -13.59
CA SER A 44 13.16 -6.68 -12.23
C SER A 44 13.03 -5.45 -11.32
N SER A 45 12.22 -5.59 -10.28
CA SER A 45 12.00 -4.49 -9.34
C SER A 45 12.36 -4.92 -7.92
N GLY A 46 13.62 -4.71 -7.54
CA GLY A 46 14.06 -5.07 -6.21
C GLY A 46 13.64 -6.47 -5.82
ZN ZN B . 0.36 1.00 -3.56
#